data_8Q6S
#
_entry.id   8Q6S
#
_cell.length_a   77.382
_cell.length_b   58.697
_cell.length_c   89.539
_cell.angle_alpha   90.000
_cell.angle_beta   103.946
_cell.angle_gamma   90.000
#
_symmetry.space_group_name_H-M   'P 1 21 1'
#
loop_
_entity.id
_entity.type
_entity.pdbx_description
1 polymer 'Putative acetyl xylan esterase'
2 non-polymer DI(HYDROXYETHYL)ETHER
3 non-polymer 'SODIUM ION'
4 non-polymer '2-(N-MORPHOLINO)-ETHANESULFONIC ACID'
5 water water
#
_entity_poly.entity_id   1
_entity_poly.type   'polypeptide(L)'
_entity_poly.pdbx_seq_one_letter_code
;MGSSHHHHHHSSENLYFQGHSKSPRKDYAKLANYDESKVPQYTLPSVLMCHDGEMVQTKEQWEQKRRPEILNLFTTYMFG
KAPVLKHKLPCTVSRINEKALNGRATRKEITIQLTDDPQGPHIDLQLYLPNHVSGKIPVFLGISFMPNYTIYDDPDLSVP
EITDEKMKKRSFRGSMDKSWQLDKILEHGYGLATFCYNDVDPDFDDDFQNGVHPYYYEKGQNFPDPDQWGSIAAWAWGMS
RAMDYLETDKKVDAKKVAVIGHSRLGKTAVWAGASDPRFALVISGNSGCCGVAISRRCFGETVEAMNVRFPHWFCGNYKQ
FNDREKYLPFDQHELVALIAPRPIYIASAEEDNWSDQKGEFLGGKGAEPVYALYGLGGIGCEEMPPVDTPYMNGPIAYHN
RKGPHAVLPYDWEQFLRFADKYFKNK
;
_entity_poly.pdbx_strand_id   A,B
#
loop_
_chem_comp.id
_chem_comp.type
_chem_comp.name
_chem_comp.formula
MES non-polymer '2-(N-MORPHOLINO)-ETHANESULFONIC ACID' 'C6 H13 N O4 S'
NA non-polymer 'SODIUM ION' 'Na 1'
PEG non-polymer DI(HYDROXYETHYL)ETHER 'C4 H10 O3'
#
# COMPACT_ATOMS: atom_id res chain seq x y z
N ARG A 25 6.66 0.92 -20.87
CA ARG A 25 7.83 1.49 -21.55
C ARG A 25 9.03 0.54 -21.44
N LYS A 26 9.69 0.54 -20.27
CA LYS A 26 10.91 -0.22 -20.01
C LYS A 26 10.81 -1.67 -20.50
N ASP A 27 11.95 -2.32 -20.79
CA ASP A 27 11.91 -3.63 -21.42
C ASP A 27 11.44 -4.70 -20.44
N TYR A 28 12.37 -5.10 -19.58
CA TYR A 28 12.27 -6.06 -18.49
C TYR A 28 12.71 -7.45 -18.92
N ALA A 29 12.23 -7.93 -20.08
CA ALA A 29 12.66 -9.25 -20.56
C ALA A 29 14.17 -9.31 -20.75
N LYS A 30 14.76 -8.25 -21.34
CA LYS A 30 16.19 -8.24 -21.60
C LYS A 30 17.03 -7.68 -20.46
N LEU A 31 16.41 -6.98 -19.49
CA LEU A 31 17.13 -6.55 -18.31
C LEU A 31 17.22 -7.62 -17.23
N ALA A 32 16.46 -8.71 -17.35
CA ALA A 32 16.35 -9.68 -16.27
C ALA A 32 17.66 -10.46 -16.09
N ASN A 33 17.81 -11.03 -14.91
CA ASN A 33 18.95 -11.91 -14.61
C ASN A 33 18.50 -13.36 -14.72
N TYR A 34 19.21 -14.13 -15.54
CA TYR A 34 18.98 -15.57 -15.63
C TYR A 34 20.22 -16.38 -15.20
N ASP A 35 21.16 -15.71 -14.50
CA ASP A 35 22.44 -16.26 -14.08
C ASP A 35 22.42 -16.54 -12.59
N GLU A 36 22.38 -17.83 -12.22
CA GLU A 36 22.24 -18.20 -10.81
C GLU A 36 23.30 -17.56 -9.94
N SER A 37 24.51 -17.34 -10.46
CA SER A 37 25.58 -16.81 -9.61
C SER A 37 25.40 -15.34 -9.30
N LYS A 38 24.71 -14.58 -10.16
CA LYS A 38 24.46 -13.18 -9.87
C LYS A 38 23.18 -12.97 -9.09
N VAL A 39 22.69 -14.02 -8.43
CA VAL A 39 21.51 -13.90 -7.56
C VAL A 39 21.96 -13.27 -6.24
N PRO A 40 21.25 -12.27 -5.74
CA PRO A 40 21.71 -11.56 -4.54
C PRO A 40 21.62 -12.42 -3.28
N GLN A 41 22.42 -12.03 -2.29
CA GLN A 41 22.22 -12.45 -0.91
C GLN A 41 20.81 -12.09 -0.46
N TYR A 42 20.21 -12.94 0.37
CA TYR A 42 18.95 -12.55 0.96
C TYR A 42 18.65 -13.46 2.14
N THR A 43 17.71 -13.02 2.96
CA THR A 43 17.25 -13.72 4.13
C THR A 43 15.75 -13.88 4.00
N LEU A 44 15.27 -15.11 4.11
CA LEU A 44 13.84 -15.36 4.03
C LEU A 44 13.18 -14.87 5.30
N PRO A 45 12.10 -14.10 5.22
CA PRO A 45 11.32 -13.81 6.43
C PRO A 45 10.94 -15.12 7.11
N SER A 46 10.95 -15.11 8.44
CA SER A 46 10.77 -16.34 9.20
C SER A 46 9.29 -16.65 9.32
N VAL A 47 8.88 -17.79 8.76
CA VAL A 47 7.46 -18.11 8.67
C VAL A 47 6.94 -18.52 10.03
N LEU A 48 7.81 -19.03 10.91
CA LEU A 48 7.38 -19.51 12.22
C LEU A 48 7.42 -18.43 13.31
N MET A 49 7.93 -17.22 13.01
CA MET A 49 7.98 -16.15 14.00
C MET A 49 6.84 -15.15 13.78
N CYS A 50 6.02 -14.96 14.82
CA CYS A 50 4.92 -13.99 14.79
C CYS A 50 5.45 -12.54 14.80
N HIS A 51 4.54 -11.59 14.54
CA HIS A 51 4.90 -10.17 14.51
C HIS A 51 5.48 -9.71 15.83
N ASP A 52 4.97 -10.22 16.94
CA ASP A 52 5.51 -9.86 18.24
C ASP A 52 6.76 -10.64 18.61
N GLY A 53 7.23 -11.55 17.75
CA GLY A 53 8.49 -12.24 17.94
C GLY A 53 8.42 -13.61 18.57
N GLU A 54 7.25 -14.06 19.00
CA GLU A 54 7.13 -15.39 19.56
C GLU A 54 7.19 -16.44 18.44
N MET A 55 8.06 -17.43 18.61
CA MET A 55 8.13 -18.54 17.67
C MET A 55 7.01 -19.54 17.87
N VAL A 56 6.48 -20.04 16.73
CA VAL A 56 5.50 -21.11 16.69
C VAL A 56 6.24 -22.45 16.77
N GLN A 57 5.70 -23.37 17.56
CA GLN A 57 6.24 -24.72 17.49
C GLN A 57 5.17 -25.81 17.59
N THR A 58 3.89 -25.45 17.55
CA THR A 58 2.80 -26.42 17.45
C THR A 58 1.83 -26.01 16.37
N LYS A 59 1.18 -27.01 15.77
CA LYS A 59 0.11 -26.72 14.82
C LYS A 59 -0.94 -25.83 15.46
N GLU A 60 -1.15 -26.01 16.78
CA GLU A 60 -2.13 -25.20 17.49
C GLU A 60 -1.75 -23.73 17.43
N GLN A 61 -0.48 -23.42 17.70
CA GLN A 61 0.00 -22.05 17.62
C GLN A 61 -0.01 -21.54 16.19
N TRP A 62 0.16 -22.43 15.22
CA TRP A 62 0.08 -22.05 13.82
C TRP A 62 -1.35 -21.63 13.46
N GLU A 63 -2.31 -22.44 13.84
CA GLU A 63 -3.70 -22.20 13.45
C GLU A 63 -4.30 -21.05 14.24
N GLN A 64 -3.92 -20.93 15.51
CA GLN A 64 -4.52 -19.97 16.42
C GLN A 64 -3.90 -18.58 16.23
N LYS A 65 -2.58 -18.52 15.99
CA LYS A 65 -1.89 -17.24 16.01
C LYS A 65 -1.15 -16.88 14.73
N ARG A 66 -0.30 -17.77 14.20
CA ARG A 66 0.59 -17.35 13.11
C ARG A 66 -0.09 -17.39 11.73
N ARG A 67 -0.83 -18.46 11.39
CA ARG A 67 -1.45 -18.51 10.06
C ARG A 67 -2.33 -17.29 9.80
N PRO A 68 -3.22 -16.87 10.72
CA PRO A 68 -4.01 -15.66 10.44
C PRO A 68 -3.16 -14.43 10.21
N GLU A 69 -2.01 -14.29 10.89
CA GLU A 69 -1.12 -13.16 10.61
C GLU A 69 -0.65 -13.17 9.17
N ILE A 70 -0.26 -14.35 8.66
CA ILE A 70 0.26 -14.46 7.30
C ILE A 70 -0.87 -14.30 6.28
N LEU A 71 -2.03 -14.88 6.54
CA LEU A 71 -3.19 -14.64 5.69
C LEU A 71 -3.54 -13.14 5.61
N ASN A 72 -3.50 -12.44 6.76
CA ASN A 72 -3.77 -11.01 6.79
C ASN A 72 -2.80 -10.25 5.90
N LEU A 73 -1.48 -10.50 6.06
CA LEU A 73 -0.49 -9.75 5.30
C LEU A 73 -0.64 -9.95 3.78
N PHE A 74 -0.92 -11.20 3.33
CA PHE A 74 -1.07 -11.44 1.89
C PHE A 74 -2.35 -10.80 1.35
N THR A 75 -3.43 -10.85 2.12
CA THR A 75 -4.67 -10.16 1.74
C THR A 75 -4.49 -8.64 1.72
N THR A 76 -3.88 -8.08 2.77
CA THR A 76 -3.72 -6.62 2.84
C THR A 76 -2.77 -6.11 1.78
N TYR A 77 -1.60 -6.73 1.66
CA TYR A 77 -0.50 -6.11 0.95
C TYR A 77 -0.22 -6.64 -0.44
N MET A 78 -0.88 -7.74 -0.88
CA MET A 78 -0.57 -8.13 -2.26
C MET A 78 -1.80 -8.56 -3.06
N PHE A 79 -2.73 -9.33 -2.50
CA PHE A 79 -3.86 -9.73 -3.33
C PHE A 79 -5.08 -8.82 -3.20
N GLY A 80 -5.36 -8.28 -2.02
CA GLY A 80 -6.49 -7.36 -1.84
C GLY A 80 -7.71 -8.06 -1.30
N LYS A 81 -8.40 -7.41 -0.34
CA LYS A 81 -9.64 -7.95 0.21
C LYS A 81 -10.71 -8.11 -0.85
N ALA A 82 -11.54 -9.17 -0.72
CA ALA A 82 -12.66 -9.50 -1.59
C ALA A 82 -13.98 -9.54 -0.80
N PRO A 83 -15.12 -9.28 -1.44
CA PRO A 83 -16.37 -9.13 -0.69
C PRO A 83 -16.73 -10.41 0.07
N VAL A 84 -17.30 -10.23 1.24
CA VAL A 84 -17.95 -11.31 1.97
C VAL A 84 -19.44 -11.13 1.78
N LEU A 85 -20.14 -12.22 1.49
CA LEU A 85 -21.52 -12.18 1.05
C LEU A 85 -22.43 -12.64 2.18
N LYS A 86 -23.60 -12.00 2.30
CA LYS A 86 -24.57 -12.48 3.29
C LYS A 86 -25.08 -13.85 2.90
N HIS A 87 -25.20 -14.08 1.60
CA HIS A 87 -25.88 -15.25 1.05
C HIS A 87 -25.22 -15.63 -0.27
N LYS A 88 -25.49 -16.85 -0.71
CA LYS A 88 -24.90 -17.32 -1.95
C LYS A 88 -25.48 -16.56 -3.13
N LEU A 89 -24.66 -16.38 -4.16
CA LEU A 89 -25.13 -15.83 -5.43
C LEU A 89 -26.24 -16.71 -6.00
N PRO A 90 -27.18 -16.15 -6.74
CA PRO A 90 -28.11 -17.00 -7.50
C PRO A 90 -27.37 -17.68 -8.64
N CYS A 91 -27.82 -18.89 -8.95
CA CYS A 91 -27.36 -19.57 -10.16
C CYS A 91 -28.53 -20.36 -10.70
N THR A 92 -28.41 -20.77 -11.95
CA THR A 92 -29.33 -21.72 -12.56
C THR A 92 -28.54 -22.74 -13.35
N VAL A 93 -28.98 -23.99 -13.27
CA VAL A 93 -28.47 -25.07 -14.12
C VAL A 93 -29.18 -24.92 -15.45
N SER A 94 -28.55 -24.25 -16.39
CA SER A 94 -29.28 -23.77 -17.55
C SER A 94 -29.26 -24.76 -18.72
N ARG A 95 -28.56 -25.89 -18.59
CA ARG A 95 -28.44 -26.91 -19.62
C ARG A 95 -27.80 -28.14 -18.99
N ILE A 96 -28.24 -29.33 -19.45
CA ILE A 96 -27.79 -30.64 -18.97
C ILE A 96 -27.86 -31.61 -20.13
N ASN A 97 -26.88 -32.52 -20.20
CA ASN A 97 -26.92 -33.61 -21.17
C ASN A 97 -26.34 -34.85 -20.47
N GLU A 98 -27.22 -35.73 -20.01
CA GLU A 98 -26.77 -36.90 -19.26
C GLU A 98 -26.15 -37.97 -20.14
N LYS A 99 -26.23 -37.79 -21.46
CA LYS A 99 -25.65 -38.73 -22.40
C LYS A 99 -24.53 -38.07 -23.20
N ALA A 100 -23.89 -37.04 -22.63
CA ALA A 100 -22.79 -36.37 -23.31
C ALA A 100 -21.65 -37.33 -23.63
N LEU A 101 -20.89 -37.00 -24.69
CA LEU A 101 -19.73 -37.77 -25.12
C LEU A 101 -20.09 -39.23 -25.35
N ASN A 102 -21.15 -39.46 -26.12
CA ASN A 102 -21.59 -40.83 -26.48
C ASN A 102 -21.91 -41.65 -25.25
N GLY A 103 -22.61 -41.03 -24.28
CA GLY A 103 -22.91 -41.67 -23.02
C GLY A 103 -21.79 -41.72 -21.99
N ARG A 104 -20.56 -41.29 -22.34
CA ARG A 104 -19.46 -41.36 -21.37
C ARG A 104 -19.65 -40.42 -20.18
N ALA A 105 -20.40 -39.33 -20.34
CA ALA A 105 -20.37 -38.31 -19.29
C ALA A 105 -21.69 -37.56 -19.23
N THR A 106 -21.92 -36.92 -18.08
CA THR A 106 -22.97 -35.93 -17.91
C THR A 106 -22.34 -34.54 -17.97
N ARG A 107 -22.87 -33.69 -18.87
N ARG A 107 -22.85 -33.70 -18.87
CA ARG A 107 -22.37 -32.34 -19.06
CA ARG A 107 -22.35 -32.34 -19.05
C ARG A 107 -23.42 -31.34 -18.62
C ARG A 107 -23.42 -31.34 -18.61
N LYS A 108 -23.03 -30.42 -17.73
CA LYS A 108 -23.91 -29.41 -17.16
C LYS A 108 -23.32 -28.02 -17.38
N GLU A 109 -24.15 -27.07 -17.78
CA GLU A 109 -23.82 -25.66 -17.79
C GLU A 109 -24.52 -24.98 -16.60
N ILE A 110 -23.75 -24.25 -15.79
CA ILE A 110 -24.31 -23.53 -14.65
C ILE A 110 -23.92 -22.06 -14.77
N THR A 111 -24.92 -21.20 -14.88
CA THR A 111 -24.68 -19.75 -14.95
C THR A 111 -24.83 -19.15 -13.55
N ILE A 112 -23.79 -18.47 -13.08
CA ILE A 112 -23.74 -17.89 -11.73
C ILE A 112 -23.73 -16.37 -11.82
N GLN A 113 -24.70 -15.73 -11.17
CA GLN A 113 -24.92 -14.29 -11.29
C GLN A 113 -23.99 -13.60 -10.27
N LEU A 114 -23.00 -12.83 -10.77
CA LEU A 114 -21.90 -12.38 -9.91
C LEU A 114 -22.22 -11.11 -9.11
N THR A 115 -23.18 -10.30 -9.58
CA THR A 115 -23.56 -9.05 -8.95
C THR A 115 -25.07 -9.07 -8.70
N ASP A 116 -25.60 -7.98 -8.15
CA ASP A 116 -27.05 -7.85 -8.02
C ASP A 116 -27.75 -7.49 -9.32
N ASP A 117 -27.01 -7.23 -10.38
CA ASP A 117 -27.63 -6.94 -11.65
C ASP A 117 -27.71 -8.23 -12.50
N PRO A 118 -28.91 -8.72 -12.83
CA PRO A 118 -28.99 -9.94 -13.66
C PRO A 118 -28.52 -9.75 -15.09
N GLN A 119 -28.42 -8.52 -15.59
CA GLN A 119 -27.76 -8.24 -16.85
C GLN A 119 -26.28 -7.94 -16.68
N GLY A 120 -25.72 -8.11 -15.49
CA GLY A 120 -24.30 -7.89 -15.30
C GLY A 120 -23.53 -9.17 -15.57
N PRO A 121 -22.29 -9.26 -15.10
CA PRO A 121 -21.46 -10.42 -15.43
C PRO A 121 -21.88 -11.66 -14.67
N HIS A 122 -21.71 -12.79 -15.34
CA HIS A 122 -22.04 -14.12 -14.84
C HIS A 122 -20.86 -15.03 -15.10
N ILE A 123 -20.59 -15.94 -14.17
CA ILE A 123 -19.71 -17.06 -14.50
C ILE A 123 -20.55 -18.09 -15.24
N ASP A 124 -20.10 -18.47 -16.44
CA ASP A 124 -20.69 -19.57 -17.21
C ASP A 124 -19.82 -20.80 -16.98
N LEU A 125 -20.21 -21.62 -16.00
CA LEU A 125 -19.46 -22.80 -15.60
C LEU A 125 -19.90 -24.03 -16.40
N GLN A 126 -18.94 -24.89 -16.75
CA GLN A 126 -19.18 -26.07 -17.57
C GLN A 126 -18.65 -27.29 -16.81
N LEU A 127 -19.54 -28.16 -16.36
CA LEU A 127 -19.17 -29.32 -15.55
C LEU A 127 -19.30 -30.62 -16.35
N TYR A 128 -18.24 -31.45 -16.33
CA TYR A 128 -18.27 -32.82 -16.88
C TYR A 128 -18.05 -33.83 -15.75
N LEU A 129 -18.97 -34.78 -15.61
CA LEU A 129 -18.85 -35.87 -14.65
C LEU A 129 -18.85 -37.18 -15.42
N PRO A 130 -18.05 -38.17 -15.03
CA PRO A 130 -18.11 -39.45 -15.73
C PRO A 130 -19.41 -40.17 -15.44
N ASN A 131 -19.97 -40.77 -16.48
CA ASN A 131 -21.05 -41.70 -16.23
C ASN A 131 -20.48 -43.02 -15.72
N HIS A 132 -21.37 -43.91 -15.27
CA HIS A 132 -20.98 -45.24 -14.79
C HIS A 132 -20.07 -45.21 -13.57
N VAL A 133 -20.12 -44.15 -12.75
CA VAL A 133 -19.38 -44.13 -11.49
C VAL A 133 -20.35 -43.76 -10.38
N SER A 134 -20.35 -44.55 -9.32
CA SER A 134 -21.50 -44.58 -8.41
C SER A 134 -21.49 -43.41 -7.43
N GLY A 135 -20.43 -43.28 -6.63
CA GLY A 135 -20.47 -42.40 -5.47
C GLY A 135 -20.54 -40.92 -5.84
N LYS A 136 -20.29 -40.08 -4.81
CA LYS A 136 -19.90 -38.70 -5.07
C LYS A 136 -18.52 -38.70 -5.73
N ILE A 137 -18.32 -37.80 -6.68
CA ILE A 137 -17.17 -37.88 -7.60
C ILE A 137 -16.22 -36.73 -7.28
N PRO A 138 -14.92 -37.00 -7.10
CA PRO A 138 -13.95 -35.89 -7.00
C PRO A 138 -13.87 -35.09 -8.29
N VAL A 139 -13.65 -33.77 -8.15
CA VAL A 139 -13.67 -32.83 -9.26
C VAL A 139 -12.45 -31.93 -9.25
N PHE A 140 -11.86 -31.71 -10.43
CA PHE A 140 -10.86 -30.68 -10.65
C PHE A 140 -11.56 -29.40 -11.11
N LEU A 141 -11.45 -28.33 -10.31
CA LEU A 141 -11.97 -27.01 -10.67
C LEU A 141 -10.86 -26.17 -11.30
N GLY A 142 -11.03 -25.82 -12.57
CA GLY A 142 -10.04 -25.07 -13.30
C GLY A 142 -10.54 -23.76 -13.85
N ILE A 143 -9.63 -22.86 -14.17
CA ILE A 143 -9.95 -21.54 -14.71
C ILE A 143 -9.08 -21.36 -15.94
N SER A 144 -9.66 -20.83 -16.99
CA SER A 144 -9.09 -20.95 -18.31
C SER A 144 -8.92 -19.57 -18.94
N PHE A 145 -8.01 -19.51 -19.90
CA PHE A 145 -7.80 -18.26 -20.61
C PHE A 145 -8.92 -17.99 -21.60
N MET A 146 -9.53 -19.03 -22.15
CA MET A 146 -10.44 -18.89 -23.29
C MET A 146 -11.78 -19.55 -22.97
N PRO A 147 -12.81 -19.29 -23.79
CA PRO A 147 -14.15 -19.82 -23.49
C PRO A 147 -14.22 -21.35 -23.43
N ASN A 148 -15.36 -21.81 -22.90
CA ASN A 148 -15.53 -23.20 -22.52
C ASN A 148 -15.40 -24.16 -23.69
N TYR A 149 -15.68 -23.72 -24.91
CA TYR A 149 -15.65 -24.67 -26.02
C TYR A 149 -14.22 -25.06 -26.37
N THR A 150 -13.20 -24.37 -25.85
CA THR A 150 -11.83 -24.76 -26.12
C THR A 150 -11.34 -25.90 -25.25
N ILE A 151 -12.07 -26.26 -24.18
CA ILE A 151 -11.57 -27.26 -23.24
C ILE A 151 -11.53 -28.64 -23.90
N TYR A 152 -12.54 -28.94 -24.73
CA TYR A 152 -12.69 -30.26 -25.30
C TYR A 152 -13.34 -30.12 -26.67
N ASP A 153 -12.98 -31.02 -27.58
CA ASP A 153 -13.64 -31.08 -28.89
C ASP A 153 -14.89 -31.92 -28.72
N ASP A 154 -15.91 -31.26 -28.16
CA ASP A 154 -17.24 -31.73 -27.84
C ASP A 154 -18.17 -31.46 -29.02
N PRO A 155 -18.48 -32.49 -29.84
CA PRO A 155 -19.17 -32.26 -31.13
C PRO A 155 -20.63 -31.84 -31.03
N ASP A 156 -21.27 -31.89 -29.85
CA ASP A 156 -22.64 -31.44 -29.75
C ASP A 156 -22.73 -30.06 -29.12
N LEU A 157 -21.61 -29.34 -29.07
CA LEU A 157 -21.55 -27.92 -28.77
C LEU A 157 -21.49 -27.12 -30.07
N SER A 158 -22.23 -27.59 -31.08
CA SER A 158 -22.03 -27.26 -32.49
C SER A 158 -23.30 -26.70 -33.11
N VAL A 159 -23.25 -25.42 -33.48
CA VAL A 159 -24.24 -24.79 -34.35
C VAL A 159 -23.45 -24.13 -35.48
N PRO A 160 -23.94 -24.14 -36.72
CA PRO A 160 -23.16 -23.59 -37.84
C PRO A 160 -22.83 -22.11 -37.65
N GLU A 161 -21.74 -21.66 -38.27
CA GLU A 161 -21.33 -20.27 -38.16
C GLU A 161 -22.28 -19.33 -38.90
N ILE A 162 -22.82 -19.77 -40.05
CA ILE A 162 -23.66 -18.90 -40.87
C ILE A 162 -24.95 -18.50 -40.17
N THR A 163 -25.43 -19.27 -39.20
CA THR A 163 -26.65 -18.93 -38.46
C THR A 163 -26.39 -18.48 -37.03
N ASP A 164 -25.14 -18.50 -36.57
CA ASP A 164 -24.84 -18.26 -35.16
C ASP A 164 -24.88 -16.76 -34.88
N GLU A 165 -25.73 -16.36 -33.93
CA GLU A 165 -25.79 -14.97 -33.49
C GLU A 165 -25.00 -14.73 -32.22
N LYS A 166 -24.47 -15.79 -31.60
CA LYS A 166 -23.80 -15.67 -30.31
C LYS A 166 -22.45 -14.97 -30.53
N MET A 167 -21.63 -14.90 -29.48
CA MET A 167 -20.29 -14.33 -29.64
C MET A 167 -19.52 -15.08 -30.71
N LYS A 168 -18.89 -14.36 -31.64
CA LYS A 168 -18.07 -15.00 -32.69
C LYS A 168 -16.86 -15.70 -32.06
N LYS A 169 -16.57 -16.93 -32.49
CA LYS A 169 -15.46 -17.76 -31.91
C LYS A 169 -14.10 -17.25 -32.39
N ARG A 170 -13.16 -17.08 -31.46
CA ARG A 170 -11.79 -16.58 -31.78
C ARG A 170 -10.80 -17.77 -31.90
N SER A 171 -11.08 -18.89 -31.26
CA SER A 171 -10.27 -20.10 -31.38
C SER A 171 -11.14 -21.20 -32.01
N PHE A 172 -10.98 -22.45 -31.58
CA PHE A 172 -11.78 -23.53 -32.15
C PHE A 172 -12.02 -24.59 -31.06
N ARG A 173 -13.06 -25.39 -31.28
CA ARG A 173 -13.47 -26.42 -30.32
C ARG A 173 -12.29 -27.33 -29.97
N GLY A 174 -12.05 -27.49 -28.67
CA GLY A 174 -10.97 -28.37 -28.22
C GLY A 174 -9.55 -27.91 -28.49
N SER A 175 -9.34 -26.65 -28.86
CA SER A 175 -7.98 -26.12 -29.05
C SER A 175 -7.11 -26.27 -27.80
N MET A 176 -7.67 -26.20 -26.60
CA MET A 176 -6.89 -26.33 -25.37
C MET A 176 -6.95 -27.74 -24.77
N ASP A 177 -7.27 -28.74 -25.59
CA ASP A 177 -7.38 -30.11 -25.09
C ASP A 177 -6.08 -30.58 -24.45
N LYS A 178 -4.93 -30.18 -25.02
CA LYS A 178 -3.68 -30.64 -24.46
C LYS A 178 -3.43 -30.05 -23.06
N SER A 179 -4.08 -28.94 -22.74
CA SER A 179 -3.93 -28.36 -21.40
C SER A 179 -4.95 -28.88 -20.40
N TRP A 180 -5.95 -29.66 -20.83
CA TRP A 180 -6.97 -30.05 -19.86
C TRP A 180 -7.15 -31.54 -19.69
N GLN A 181 -6.99 -32.33 -20.76
CA GLN A 181 -6.91 -33.78 -20.62
C GLN A 181 -8.16 -34.35 -19.98
N LEU A 182 -9.32 -33.85 -20.41
CA LEU A 182 -10.59 -34.39 -19.93
C LEU A 182 -10.64 -35.91 -20.01
N ASP A 183 -10.10 -36.51 -21.09
CA ASP A 183 -10.11 -37.97 -21.23
C ASP A 183 -9.31 -38.64 -20.11
N LYS A 184 -8.14 -38.09 -19.79
CA LYS A 184 -7.41 -38.62 -18.64
C LYS A 184 -8.22 -38.51 -17.36
N ILE A 185 -8.93 -37.40 -17.17
CA ILE A 185 -9.58 -37.12 -15.88
C ILE A 185 -10.77 -38.05 -15.68
N LEU A 186 -11.66 -38.13 -16.69
CA LEU A 186 -12.77 -39.07 -16.61
C LEU A 186 -12.26 -40.47 -16.38
N GLU A 187 -11.12 -40.79 -16.97
CA GLU A 187 -10.54 -42.13 -16.83
C GLU A 187 -10.12 -42.43 -15.40
N HIS A 188 -9.75 -41.42 -14.62
CA HIS A 188 -9.50 -41.70 -13.20
C HIS A 188 -10.80 -41.71 -12.38
N GLY A 189 -11.96 -41.61 -13.01
CA GLY A 189 -13.21 -41.53 -12.27
C GLY A 189 -13.42 -40.20 -11.59
N TYR A 190 -12.85 -39.13 -12.14
CA TYR A 190 -12.97 -37.78 -11.63
C TYR A 190 -13.71 -36.90 -12.64
N GLY A 191 -14.13 -35.73 -12.19
CA GLY A 191 -14.82 -34.77 -13.02
C GLY A 191 -13.96 -33.54 -13.27
N LEU A 192 -14.42 -32.72 -14.21
CA LEU A 192 -13.75 -31.47 -14.56
C LEU A 192 -14.78 -30.36 -14.64
N ALA A 193 -14.51 -29.23 -13.95
CA ALA A 193 -15.33 -28.02 -14.06
C ALA A 193 -14.45 -26.82 -14.37
N THR A 194 -14.83 -26.03 -15.37
CA THR A 194 -14.04 -24.86 -15.71
C THR A 194 -14.93 -23.70 -16.13
N PHE A 195 -14.39 -22.49 -15.95
CA PHE A 195 -14.95 -21.25 -16.47
C PHE A 195 -13.80 -20.38 -16.96
N CYS A 196 -14.12 -19.47 -17.87
CA CYS A 196 -13.14 -18.52 -18.42
C CYS A 196 -12.99 -17.33 -17.49
N TYR A 197 -11.74 -16.96 -17.17
CA TYR A 197 -11.51 -15.86 -16.23
C TYR A 197 -12.06 -14.53 -16.71
N ASN A 198 -12.25 -14.33 -18.02
CA ASN A 198 -12.75 -13.01 -18.41
C ASN A 198 -14.21 -12.83 -18.01
N ASP A 199 -14.91 -13.91 -17.60
CA ASP A 199 -16.28 -13.74 -17.06
C ASP A 199 -16.28 -12.84 -15.84
N VAL A 200 -15.26 -12.96 -14.99
CA VAL A 200 -15.21 -12.23 -13.74
C VAL A 200 -14.62 -10.84 -13.95
N ASP A 201 -13.48 -10.76 -14.63
CA ASP A 201 -12.95 -9.43 -14.88
C ASP A 201 -12.00 -9.54 -16.04
N PRO A 202 -12.22 -8.79 -17.11
CA PRO A 202 -11.31 -8.83 -18.26
C PRO A 202 -9.85 -8.58 -17.88
N ASP A 203 -8.94 -9.30 -18.52
CA ASP A 203 -7.50 -9.15 -18.26
C ASP A 203 -6.95 -7.94 -19.01
N PHE A 204 -7.48 -6.77 -18.70
CA PHE A 204 -6.99 -5.52 -19.26
C PHE A 204 -6.78 -4.51 -18.14
N ASP A 205 -5.82 -3.60 -18.33
CA ASP A 205 -5.53 -2.52 -17.37
C ASP A 205 -6.51 -1.38 -17.66
N ASP A 206 -7.76 -1.54 -17.19
CA ASP A 206 -8.85 -0.67 -17.62
C ASP A 206 -9.65 -0.13 -16.44
N ASP A 207 -9.10 -0.23 -15.23
CA ASP A 207 -9.82 0.16 -14.00
C ASP A 207 -11.14 -0.60 -13.88
N PHE A 208 -11.08 -1.89 -14.20
CA PHE A 208 -12.14 -2.84 -13.86
C PHE A 208 -13.47 -2.48 -14.51
N GLN A 209 -13.39 -1.77 -15.65
CA GLN A 209 -14.56 -1.18 -16.27
C GLN A 209 -15.66 -2.19 -16.49
N ASN A 210 -15.31 -3.35 -17.08
CA ASN A 210 -16.30 -4.37 -17.42
C ASN A 210 -16.21 -5.60 -16.52
N GLY A 211 -15.68 -5.46 -15.31
CA GLY A 211 -15.58 -6.56 -14.38
C GLY A 211 -16.54 -6.43 -13.20
N VAL A 212 -16.35 -7.31 -12.22
CA VAL A 212 -17.26 -7.27 -11.08
C VAL A 212 -16.97 -6.11 -10.12
N HIS A 213 -15.75 -5.54 -10.12
CA HIS A 213 -15.35 -4.62 -9.05
C HIS A 213 -16.31 -3.45 -8.85
N PRO A 214 -16.69 -2.67 -9.87
CA PRO A 214 -17.52 -1.47 -9.61
C PRO A 214 -18.88 -1.80 -9.01
N TYR A 215 -19.38 -3.00 -9.20
CA TYR A 215 -20.64 -3.38 -8.60
C TYR A 215 -20.54 -3.50 -7.10
N TYR A 216 -19.32 -3.57 -6.55
CA TYR A 216 -19.16 -3.66 -5.11
C TYR A 216 -18.47 -2.42 -4.53
N TYR A 217 -18.44 -1.32 -5.26
CA TYR A 217 -17.97 -0.06 -4.68
C TYR A 217 -19.04 0.51 -3.77
N GLU A 218 -18.60 1.25 -2.75
CA GLU A 218 -19.51 2.06 -1.95
C GLU A 218 -19.94 3.29 -2.76
N LYS A 219 -20.88 4.04 -2.20
CA LYS A 219 -21.38 5.20 -2.95
C LYS A 219 -20.34 6.31 -3.04
N GLY A 220 -19.48 6.43 -2.02
CA GLY A 220 -18.34 7.35 -2.11
C GLY A 220 -17.04 6.68 -2.51
N GLN A 221 -17.06 5.83 -3.54
CA GLN A 221 -15.90 5.05 -3.96
C GLN A 221 -15.94 4.86 -5.46
N ASN A 222 -14.83 5.15 -6.15
CA ASN A 222 -14.77 5.02 -7.61
C ASN A 222 -13.60 4.17 -8.10
N PHE A 223 -12.83 3.56 -7.20
N PHE A 223 -12.90 3.49 -7.18
CA PHE A 223 -11.89 2.50 -7.51
CA PHE A 223 -11.82 2.55 -7.47
C PHE A 223 -11.54 1.78 -6.22
C PHE A 223 -11.59 1.76 -6.19
N PRO A 224 -11.11 0.51 -6.28
CA PRO A 224 -10.87 -0.23 -5.03
C PRO A 224 -9.87 0.48 -4.12
N ASP A 225 -10.09 0.39 -2.80
CA ASP A 225 -9.09 0.90 -1.85
C ASP A 225 -7.75 0.21 -2.09
N PRO A 226 -6.66 0.76 -1.57
CA PRO A 226 -5.35 0.14 -1.82
C PRO A 226 -5.23 -1.24 -1.27
N ASP A 227 -6.07 -1.61 -0.29
CA ASP A 227 -6.03 -2.93 0.29
C ASP A 227 -7.19 -3.83 -0.20
N GLN A 228 -7.88 -3.42 -1.25
CA GLN A 228 -8.98 -4.21 -1.81
C GLN A 228 -8.54 -4.92 -3.09
N TRP A 229 -9.32 -5.95 -3.45
CA TRP A 229 -8.96 -6.85 -4.54
C TRP A 229 -8.62 -6.16 -5.86
N GLY A 230 -7.60 -6.69 -6.54
CA GLY A 230 -7.36 -6.60 -7.98
C GLY A 230 -7.93 -7.80 -8.76
N SER A 231 -7.34 -8.08 -9.93
CA SER A 231 -7.91 -9.08 -10.84
C SER A 231 -7.68 -10.51 -10.34
N ILE A 232 -6.44 -10.86 -10.01
CA ILE A 232 -6.14 -12.19 -9.48
C ILE A 232 -7.06 -12.52 -8.29
N ALA A 233 -7.18 -11.60 -7.31
CA ALA A 233 -8.07 -11.81 -6.16
C ALA A 233 -9.51 -12.00 -6.59
N ALA A 234 -9.98 -11.18 -7.55
CA ALA A 234 -11.31 -11.39 -8.10
C ALA A 234 -11.44 -12.76 -8.83
N TRP A 235 -10.44 -13.12 -9.67
CA TRP A 235 -10.54 -14.43 -10.34
C TRP A 235 -10.54 -15.56 -9.31
N ALA A 236 -9.82 -15.39 -8.20
CA ALA A 236 -9.80 -16.43 -7.17
C ALA A 236 -11.16 -16.53 -6.48
N TRP A 237 -11.70 -15.36 -6.09
CA TRP A 237 -13.07 -15.25 -5.59
C TRP A 237 -14.05 -15.98 -6.51
N GLY A 238 -13.82 -15.93 -7.82
CA GLY A 238 -14.64 -16.68 -8.77
C GLY A 238 -14.60 -18.19 -8.55
N MET A 239 -13.40 -18.77 -8.45
CA MET A 239 -13.33 -20.19 -8.09
C MET A 239 -14.12 -20.50 -6.84
N SER A 240 -14.06 -19.63 -5.84
CA SER A 240 -14.78 -19.85 -4.59
C SER A 240 -16.29 -19.80 -4.79
N ARG A 241 -16.75 -18.93 -5.70
CA ARG A 241 -18.17 -18.93 -6.06
C ARG A 241 -18.57 -20.21 -6.81
N ALA A 242 -17.67 -20.73 -7.65
CA ALA A 242 -17.96 -22.01 -8.31
C ALA A 242 -18.06 -23.14 -7.31
N MET A 243 -17.24 -23.09 -6.25
CA MET A 243 -17.32 -24.09 -5.19
C MET A 243 -18.64 -23.96 -4.45
N ASP A 244 -19.22 -22.76 -4.45
CA ASP A 244 -20.51 -22.60 -3.75
C ASP A 244 -21.57 -23.41 -4.46
N TYR A 245 -21.52 -23.47 -5.79
CA TYR A 245 -22.42 -24.37 -6.49
C TYR A 245 -21.98 -25.82 -6.35
N LEU A 246 -20.70 -26.08 -6.60
CA LEU A 246 -20.28 -27.48 -6.66
C LEU A 246 -20.66 -28.21 -5.38
N GLU A 247 -20.50 -27.58 -4.23
CA GLU A 247 -20.77 -28.29 -2.99
C GLU A 247 -22.24 -28.62 -2.80
N THR A 248 -23.13 -28.01 -3.59
CA THR A 248 -24.55 -28.34 -3.52
C THR A 248 -24.97 -29.38 -4.55
N ASP A 249 -24.08 -29.78 -5.43
CA ASP A 249 -24.38 -30.78 -6.45
C ASP A 249 -24.21 -32.18 -5.86
N LYS A 250 -25.30 -32.96 -5.84
CA LYS A 250 -25.30 -34.24 -5.12
C LYS A 250 -24.28 -35.22 -5.67
N LYS A 251 -23.85 -35.08 -6.93
CA LYS A 251 -22.91 -36.06 -7.50
C LYS A 251 -21.44 -35.71 -7.24
N VAL A 252 -21.11 -34.48 -6.97
CA VAL A 252 -19.71 -34.15 -6.75
C VAL A 252 -19.42 -34.30 -5.26
N ASP A 253 -18.19 -34.71 -4.97
CA ASP A 253 -17.74 -34.89 -3.59
C ASP A 253 -17.14 -33.58 -3.09
N ALA A 254 -17.88 -32.87 -2.23
CA ALA A 254 -17.42 -31.56 -1.77
C ALA A 254 -16.13 -31.63 -0.96
N LYS A 255 -15.70 -32.83 -0.51
CA LYS A 255 -14.45 -33.00 0.25
C LYS A 255 -13.22 -33.15 -0.64
N LYS A 256 -13.39 -33.36 -1.95
CA LYS A 256 -12.29 -33.69 -2.84
C LYS A 256 -12.41 -32.87 -4.12
N VAL A 257 -12.41 -31.55 -3.96
CA VAL A 257 -12.35 -30.63 -5.08
C VAL A 257 -10.97 -30.01 -5.12
N ALA A 258 -10.27 -30.19 -6.23
CA ALA A 258 -8.96 -29.60 -6.47
C ALA A 258 -9.09 -28.32 -7.29
N VAL A 259 -8.10 -27.42 -7.17
CA VAL A 259 -8.04 -26.20 -7.99
C VAL A 259 -6.76 -26.21 -8.80
N ILE A 260 -6.84 -25.67 -10.03
CA ILE A 260 -5.70 -25.68 -10.95
C ILE A 260 -5.81 -24.47 -11.87
N GLY A 261 -4.66 -23.95 -12.28
CA GLY A 261 -4.57 -22.91 -13.30
C GLY A 261 -3.12 -22.81 -13.75
N HIS A 262 -2.89 -22.03 -14.80
CA HIS A 262 -1.55 -21.94 -15.39
C HIS A 262 -1.13 -20.50 -15.51
N SER A 263 0.12 -20.22 -15.13
CA SER A 263 0.74 -18.91 -15.27
C SER A 263 -0.07 -17.96 -14.40
N ARG A 264 -0.56 -16.84 -14.94
CA ARG A 264 -1.32 -15.92 -14.10
C ARG A 264 -2.48 -16.63 -13.44
N LEU A 265 -3.10 -17.63 -14.12
CA LEU A 265 -4.18 -18.41 -13.52
C LEU A 265 -3.64 -19.45 -12.55
N GLY A 266 -2.33 -19.69 -12.58
CA GLY A 266 -1.69 -20.49 -11.55
C GLY A 266 -1.49 -19.70 -10.28
N LYS A 267 -1.05 -18.43 -10.42
CA LYS A 267 -1.04 -17.54 -9.26
C LYS A 267 -2.42 -17.48 -8.63
N THR A 268 -3.46 -17.38 -9.47
CA THR A 268 -4.83 -17.34 -8.95
C THR A 268 -5.18 -18.60 -8.17
N ALA A 269 -4.99 -19.78 -8.78
CA ALA A 269 -5.39 -21.03 -8.13
C ALA A 269 -4.65 -21.25 -6.81
N VAL A 270 -3.37 -20.85 -6.71
CA VAL A 270 -2.72 -20.96 -5.42
C VAL A 270 -3.40 -20.06 -4.41
N TRP A 271 -3.73 -18.82 -4.80
CA TRP A 271 -4.40 -17.94 -3.83
C TRP A 271 -5.77 -18.48 -3.46
N ALA A 272 -6.49 -19.07 -4.42
CA ALA A 272 -7.81 -19.57 -4.07
C ALA A 272 -7.68 -20.70 -3.07
N GLY A 273 -6.66 -21.55 -3.26
CA GLY A 273 -6.40 -22.58 -2.27
C GLY A 273 -6.03 -22.02 -0.92
N ALA A 274 -5.20 -20.97 -0.91
CA ALA A 274 -4.75 -20.37 0.35
C ALA A 274 -5.89 -19.73 1.12
N SER A 275 -6.79 -19.04 0.43
CA SER A 275 -7.81 -18.25 1.11
C SER A 275 -9.15 -19.00 1.20
N ASP A 276 -9.25 -20.19 0.61
CA ASP A 276 -10.46 -21.02 0.70
C ASP A 276 -10.05 -22.42 1.11
N PRO A 277 -10.08 -22.72 2.42
CA PRO A 277 -9.62 -24.05 2.88
C PRO A 277 -10.52 -25.22 2.46
N ARG A 278 -11.65 -24.96 1.80
CA ARG A 278 -12.49 -26.08 1.34
C ARG A 278 -11.77 -26.91 0.30
N PHE A 279 -10.91 -26.29 -0.51
CA PHE A 279 -10.26 -27.04 -1.58
C PHE A 279 -9.23 -28.02 -1.02
N ALA A 280 -9.33 -29.25 -1.52
CA ALA A 280 -8.62 -30.41 -1.01
C ALA A 280 -7.19 -30.51 -1.50
N LEU A 281 -6.90 -29.93 -2.66
CA LEU A 281 -5.61 -30.09 -3.33
C LEU A 281 -5.43 -28.93 -4.32
N VAL A 282 -4.20 -28.45 -4.44
CA VAL A 282 -3.89 -27.23 -5.16
C VAL A 282 -2.85 -27.56 -6.21
N ILE A 283 -3.02 -27.05 -7.43
CA ILE A 283 -2.10 -27.33 -8.53
C ILE A 283 -1.56 -26.03 -9.09
N SER A 284 -0.27 -25.79 -8.89
CA SER A 284 0.39 -24.58 -9.35
C SER A 284 1.03 -24.87 -10.70
N GLY A 285 0.40 -24.38 -11.76
CA GLY A 285 0.96 -24.58 -13.10
C GLY A 285 1.86 -23.47 -13.58
N ASN A 286 3.17 -23.65 -13.42
CA ASN A 286 4.15 -22.59 -13.66
C ASN A 286 3.69 -21.24 -13.04
N SER A 287 3.40 -21.22 -11.73
CA SER A 287 2.87 -19.97 -11.16
C SER A 287 3.95 -18.89 -11.06
N GLY A 288 5.22 -19.27 -10.94
CA GLY A 288 6.31 -18.35 -11.18
C GLY A 288 6.35 -17.15 -10.24
N CYS A 289 6.66 -15.99 -10.83
CA CYS A 289 6.81 -14.75 -10.07
C CYS A 289 5.50 -14.35 -9.42
N CYS A 290 5.57 -14.01 -8.13
CA CYS A 290 4.38 -13.71 -7.35
C CYS A 290 3.40 -14.87 -7.34
N GLY A 291 3.85 -16.06 -7.73
CA GLY A 291 3.11 -17.28 -7.52
C GLY A 291 3.80 -18.01 -6.38
N VAL A 292 4.49 -19.11 -6.70
CA VAL A 292 5.23 -19.84 -5.69
C VAL A 292 6.73 -19.51 -5.73
N ALA A 293 7.21 -18.76 -6.71
CA ALA A 293 8.64 -18.44 -6.78
C ALA A 293 9.05 -17.40 -5.74
N ILE A 294 10.22 -17.60 -5.12
CA ILE A 294 10.67 -16.68 -4.08
C ILE A 294 11.11 -15.37 -4.72
N SER A 295 10.50 -14.27 -4.29
CA SER A 295 10.71 -12.95 -4.89
C SER A 295 12.12 -12.43 -4.64
N ARG A 296 12.67 -12.69 -3.45
CA ARG A 296 13.99 -12.16 -3.11
C ARG A 296 15.08 -12.65 -4.05
N ARG A 297 14.83 -13.70 -4.84
CA ARG A 297 15.86 -14.13 -5.77
C ARG A 297 16.00 -13.16 -6.96
N CYS A 298 14.99 -12.33 -7.23
CA CYS A 298 15.04 -11.33 -8.30
C CYS A 298 15.46 -11.91 -9.64
N PHE A 299 15.11 -13.18 -9.85
CA PHE A 299 15.55 -13.98 -10.99
C PHE A 299 14.43 -14.03 -12.03
N GLY A 300 14.75 -13.72 -13.28
CA GLY A 300 13.71 -13.73 -14.30
C GLY A 300 12.72 -12.59 -14.09
N GLU A 301 11.42 -12.89 -14.06
CA GLU A 301 10.42 -11.88 -13.75
C GLU A 301 10.61 -11.36 -12.33
N THR A 302 10.32 -10.05 -12.13
CA THR A 302 10.45 -9.38 -10.82
C THR A 302 9.15 -8.66 -10.45
N VAL A 303 9.01 -8.32 -9.15
CA VAL A 303 7.80 -7.64 -8.65
C VAL A 303 7.47 -6.42 -9.48
N GLU A 304 8.48 -5.64 -9.84
CA GLU A 304 8.20 -4.39 -10.54
C GLU A 304 7.85 -4.65 -11.99
N ALA A 305 8.57 -5.57 -12.67
CA ALA A 305 8.17 -5.97 -14.02
C ALA A 305 6.69 -6.35 -14.02
N MET A 306 6.28 -7.13 -13.01
CA MET A 306 4.89 -7.55 -12.86
C MET A 306 3.94 -6.37 -12.78
N ASN A 307 4.10 -5.55 -11.74
CA ASN A 307 3.15 -4.49 -11.44
C ASN A 307 3.12 -3.45 -12.54
N VAL A 308 4.27 -3.15 -13.13
CA VAL A 308 4.26 -2.17 -14.21
C VAL A 308 3.55 -2.74 -15.43
N ARG A 309 3.83 -4.00 -15.77
CA ARG A 309 3.21 -4.49 -16.99
C ARG A 309 1.75 -4.94 -16.77
N PHE A 310 1.36 -5.33 -15.56
CA PHE A 310 -0.05 -5.66 -15.26
C PHE A 310 -0.48 -5.02 -13.94
N PRO A 311 -0.76 -3.71 -13.94
CA PRO A 311 -1.14 -3.05 -12.68
C PRO A 311 -2.46 -3.52 -12.13
N HIS A 312 -3.33 -4.11 -12.94
CA HIS A 312 -4.61 -4.54 -12.40
C HIS A 312 -4.52 -5.84 -11.61
N TRP A 313 -3.38 -6.56 -11.72
CA TRP A 313 -3.32 -7.93 -11.20
C TRP A 313 -3.42 -7.94 -9.68
N PHE A 314 -2.58 -7.16 -9.02
CA PHE A 314 -2.53 -7.14 -7.56
C PHE A 314 -3.14 -5.84 -7.02
N CYS A 315 -3.32 -5.80 -5.70
CA CYS A 315 -3.91 -4.63 -5.06
C CYS A 315 -2.98 -3.42 -5.14
N GLY A 316 -3.53 -2.23 -4.85
CA GLY A 316 -2.72 -1.02 -4.86
C GLY A 316 -1.50 -1.12 -3.96
N ASN A 317 -1.66 -1.73 -2.78
CA ASN A 317 -0.56 -1.78 -1.81
C ASN A 317 0.68 -2.45 -2.40
N TYR A 318 0.50 -3.43 -3.28
CA TYR A 318 1.64 -4.26 -3.72
C TYR A 318 2.68 -3.44 -4.48
N LYS A 319 2.26 -2.35 -5.13
CA LYS A 319 3.21 -1.58 -5.95
C LYS A 319 4.30 -0.91 -5.11
N GLN A 320 4.10 -0.76 -3.80
CA GLN A 320 5.17 -0.23 -2.99
C GLN A 320 6.41 -1.12 -3.00
N PHE A 321 6.32 -2.36 -3.47
CA PHE A 321 7.48 -3.25 -3.38
C PHE A 321 8.24 -3.35 -4.71
N ASN A 322 7.90 -2.50 -5.68
CA ASN A 322 8.66 -2.43 -6.92
C ASN A 322 10.12 -2.17 -6.62
N ASP A 323 10.99 -3.05 -7.12
CA ASP A 323 12.42 -2.98 -6.95
C ASP A 323 12.84 -2.92 -5.48
N ARG A 324 11.97 -3.38 -4.57
CA ARG A 324 12.17 -3.26 -3.13
C ARG A 324 11.87 -4.58 -2.42
N GLU A 325 12.28 -5.70 -3.03
CA GLU A 325 11.93 -7.02 -2.51
C GLU A 325 12.43 -7.22 -1.09
N LYS A 326 13.55 -6.61 -0.75
CA LYS A 326 14.06 -6.59 0.63
C LYS A 326 12.99 -6.23 1.65
N TYR A 327 12.02 -5.40 1.30
CA TYR A 327 11.05 -4.87 2.25
C TYR A 327 9.71 -5.58 2.25
N LEU A 328 9.51 -6.62 1.43
CA LEU A 328 8.28 -7.39 1.52
C LEU A 328 8.07 -7.88 2.95
N PRO A 329 6.88 -7.75 3.52
CA PRO A 329 6.62 -8.35 4.85
C PRO A 329 6.67 -9.86 4.85
N PHE A 330 6.84 -10.49 3.69
CA PHE A 330 6.75 -11.93 3.57
C PHE A 330 7.57 -12.35 2.35
N ASP A 331 7.55 -13.66 2.05
CA ASP A 331 7.91 -14.13 0.71
C ASP A 331 7.08 -15.39 0.40
N GLN A 332 7.27 -15.92 -0.81
CA GLN A 332 6.22 -16.77 -1.39
C GLN A 332 6.17 -18.15 -0.76
N HIS A 333 7.23 -18.59 -0.08
CA HIS A 333 7.16 -19.78 0.77
C HIS A 333 6.07 -19.66 1.83
N GLU A 334 5.80 -18.44 2.32
CA GLU A 334 4.71 -18.32 3.29
C GLU A 334 3.35 -18.45 2.62
N LEU A 335 3.23 -18.09 1.33
CA LEU A 335 2.00 -18.37 0.58
C LEU A 335 1.77 -19.87 0.49
N VAL A 336 2.80 -20.63 0.07
CA VAL A 336 2.67 -22.09 0.03
C VAL A 336 2.27 -22.62 1.41
N ALA A 337 2.82 -22.03 2.48
CA ALA A 337 2.55 -22.51 3.83
C ALA A 337 1.08 -22.35 4.19
N LEU A 338 0.39 -21.42 3.55
CA LEU A 338 -1.03 -21.27 3.82
C LEU A 338 -1.80 -22.51 3.43
N ILE A 339 -1.24 -23.35 2.52
CA ILE A 339 -1.92 -24.55 2.06
C ILE A 339 -1.93 -25.63 3.13
N ALA A 340 -0.92 -25.65 4.01
CA ALA A 340 -0.77 -26.82 4.86
C ALA A 340 -1.98 -26.96 5.78
N PRO A 341 -2.36 -28.19 6.15
CA PRO A 341 -1.68 -29.45 5.81
C PRO A 341 -2.03 -30.02 4.45
N ARG A 342 -2.86 -29.32 3.66
CA ARG A 342 -3.35 -29.87 2.41
C ARG A 342 -2.25 -29.95 1.35
N PRO A 343 -2.36 -30.89 0.40
CA PRO A 343 -1.30 -31.10 -0.59
C PRO A 343 -1.32 -30.08 -1.71
N ILE A 344 -0.14 -29.84 -2.26
CA ILE A 344 0.04 -28.91 -3.37
C ILE A 344 1.07 -29.48 -4.34
N TYR A 345 0.79 -29.35 -5.64
CA TYR A 345 1.72 -29.80 -6.67
C TYR A 345 2.32 -28.56 -7.32
N ILE A 346 3.63 -28.49 -7.33
CA ILE A 346 4.35 -27.37 -7.95
C ILE A 346 4.99 -27.89 -9.22
N ALA A 347 4.66 -27.28 -10.35
CA ALA A 347 5.12 -27.74 -11.64
C ALA A 347 5.88 -26.64 -12.35
N SER A 348 7.13 -26.95 -12.73
CA SER A 348 8.00 -26.05 -13.47
C SER A 348 8.23 -26.63 -14.86
N ALA A 349 8.52 -25.75 -15.81
CA ALA A 349 8.88 -26.15 -17.16
C ALA A 349 10.33 -25.76 -17.43
N GLU A 350 11.06 -26.65 -18.11
CA GLU A 350 12.50 -26.52 -18.25
C GLU A 350 12.91 -25.27 -19.02
N GLU A 351 12.11 -24.85 -20.00
N GLU A 351 12.12 -24.85 -20.01
CA GLU A 351 12.46 -23.69 -20.81
CA GLU A 351 12.49 -23.69 -20.79
C GLU A 351 11.93 -22.39 -20.24
C GLU A 351 12.00 -22.38 -20.18
N ASP A 352 11.13 -22.46 -19.16
CA ASP A 352 10.46 -21.31 -18.60
C ASP A 352 11.31 -20.61 -17.53
N ASN A 353 12.45 -20.07 -17.97
CA ASN A 353 13.33 -19.43 -17.01
C ASN A 353 12.71 -18.16 -16.42
N TRP A 354 11.77 -17.54 -17.15
CA TRP A 354 11.08 -16.35 -16.66
C TRP A 354 10.37 -16.60 -15.32
N SER A 355 9.90 -17.83 -15.08
CA SER A 355 9.23 -18.17 -13.82
C SER A 355 10.19 -18.47 -12.68
N ASP A 356 11.50 -18.58 -12.95
CA ASP A 356 12.51 -18.99 -11.98
C ASP A 356 12.18 -20.35 -11.36
N GLN A 357 12.45 -21.44 -12.10
CA GLN A 357 12.06 -22.79 -11.68
C GLN A 357 12.71 -23.18 -10.34
N LYS A 358 14.00 -22.90 -10.16
CA LYS A 358 14.60 -23.12 -8.85
C LYS A 358 13.88 -22.31 -7.77
N GLY A 359 13.57 -21.04 -8.07
CA GLY A 359 12.81 -20.24 -7.11
C GLY A 359 11.49 -20.87 -6.78
N GLU A 360 10.83 -21.48 -7.78
CA GLU A 360 9.56 -22.16 -7.52
C GLU A 360 9.78 -23.36 -6.63
N PHE A 361 10.88 -24.07 -6.84
CA PHE A 361 11.23 -25.21 -5.99
C PHE A 361 11.48 -24.74 -4.57
N LEU A 362 12.15 -23.60 -4.40
CA LEU A 362 12.47 -23.10 -3.07
C LEU A 362 11.26 -22.53 -2.37
N GLY A 363 10.25 -22.09 -3.13
CA GLY A 363 9.00 -21.69 -2.50
C GLY A 363 8.37 -22.86 -1.77
N GLY A 364 8.47 -24.05 -2.36
CA GLY A 364 7.96 -25.24 -1.69
C GLY A 364 8.85 -25.68 -0.54
N LYS A 365 10.18 -25.65 -0.73
CA LYS A 365 11.11 -26.05 0.33
C LYS A 365 10.99 -25.15 1.56
N GLY A 366 10.75 -23.84 1.34
CA GLY A 366 10.61 -22.93 2.47
C GLY A 366 9.39 -23.22 3.31
N ALA A 367 8.37 -23.88 2.75
CA ALA A 367 7.17 -24.20 3.50
C ALA A 367 7.29 -25.46 4.34
N GLU A 368 8.33 -26.26 4.14
CA GLU A 368 8.41 -27.55 4.84
C GLU A 368 8.27 -27.43 6.35
N PRO A 369 8.88 -26.47 7.05
CA PRO A 369 8.73 -26.45 8.52
C PRO A 369 7.30 -26.36 9.01
N VAL A 370 6.39 -25.73 8.26
CA VAL A 370 4.98 -25.69 8.66
C VAL A 370 4.33 -27.07 8.50
N TYR A 371 4.60 -27.75 7.37
CA TYR A 371 4.05 -29.09 7.17
C TYR A 371 4.55 -30.06 8.23
N ALA A 372 5.81 -29.90 8.67
CA ALA A 372 6.33 -30.70 9.78
C ALA A 372 5.53 -30.48 11.06
N LEU A 373 4.82 -29.37 11.20
CA LEU A 373 4.04 -29.20 12.42
C LEU A 373 2.88 -30.17 12.46
N TYR A 374 2.53 -30.77 11.33
CA TYR A 374 1.48 -31.78 11.23
C TYR A 374 2.06 -33.18 11.09
N GLY A 375 3.35 -33.35 11.36
CA GLY A 375 3.98 -34.65 11.25
C GLY A 375 4.09 -35.17 9.83
N LEU A 376 4.18 -34.28 8.85
CA LEU A 376 4.31 -34.64 7.45
C LEU A 376 5.73 -34.33 6.98
N GLY A 377 6.23 -35.15 6.06
CA GLY A 377 7.55 -34.94 5.48
C GLY A 377 7.55 -33.81 4.46
N GLY A 378 8.65 -33.73 3.72
CA GLY A 378 8.83 -32.60 2.80
C GLY A 378 8.73 -33.00 1.34
N ILE A 379 9.42 -32.29 0.43
CA ILE A 379 9.33 -32.64 -0.98
C ILE A 379 9.93 -34.02 -1.21
N GLY A 380 11.05 -34.32 -0.56
CA GLY A 380 11.71 -35.60 -0.70
C GLY A 380 13.13 -35.53 -1.22
N CYS A 381 13.58 -34.38 -1.71
CA CYS A 381 14.98 -34.15 -2.05
C CYS A 381 15.38 -32.78 -1.53
N GLU A 382 16.69 -32.59 -1.32
CA GLU A 382 17.19 -31.35 -0.69
C GLU A 382 17.47 -30.23 -1.70
N GLU A 383 18.11 -30.54 -2.82
CA GLU A 383 18.36 -29.55 -3.87
C GLU A 383 17.42 -29.81 -5.05
N MET A 384 17.33 -28.83 -5.93
CA MET A 384 16.46 -28.94 -7.09
C MET A 384 16.77 -30.19 -7.92
N PRO A 385 15.77 -31.02 -8.23
CA PRO A 385 16.03 -32.25 -8.98
C PRO A 385 16.30 -31.98 -10.44
N PRO A 386 16.87 -32.97 -11.16
CA PRO A 386 17.02 -32.85 -12.62
C PRO A 386 15.69 -32.94 -13.34
N VAL A 387 15.68 -32.53 -14.61
CA VAL A 387 14.43 -32.50 -15.38
C VAL A 387 13.79 -33.89 -15.45
N ASP A 388 12.48 -33.90 -15.68
CA ASP A 388 11.70 -35.12 -15.86
C ASP A 388 11.83 -36.08 -14.69
N THR A 389 12.06 -35.55 -13.48
CA THR A 389 12.25 -36.36 -12.28
C THR A 389 11.28 -35.90 -11.18
N PRO A 390 10.05 -36.40 -11.18
CA PRO A 390 9.05 -35.93 -10.21
C PRO A 390 9.28 -36.51 -8.82
N TYR A 391 8.96 -35.70 -7.82
CA TYR A 391 8.88 -36.12 -6.43
C TYR A 391 7.47 -35.85 -5.93
N MET A 392 6.78 -36.89 -5.44
CA MET A 392 5.39 -36.65 -5.05
C MET A 392 4.96 -37.55 -3.89
N ASN A 393 5.91 -38.14 -3.14
CA ASN A 393 5.49 -38.93 -1.99
C ASN A 393 5.21 -38.12 -0.74
N GLY A 394 5.52 -36.82 -0.73
CA GLY A 394 5.24 -35.96 0.40
C GLY A 394 4.03 -35.06 0.16
N PRO A 395 3.77 -34.12 1.07
CA PRO A 395 2.60 -33.22 0.89
C PRO A 395 2.83 -32.14 -0.14
N ILE A 396 4.08 -31.84 -0.50
CA ILE A 396 4.41 -30.88 -1.55
C ILE A 396 5.11 -31.65 -2.66
N ALA A 397 4.49 -31.70 -3.84
CA ALA A 397 5.11 -32.35 -4.98
C ALA A 397 5.80 -31.31 -5.86
N TYR A 398 6.82 -31.78 -6.60
CA TYR A 398 7.56 -30.91 -7.50
C TYR A 398 8.05 -31.69 -8.71
N HIS A 399 7.93 -31.08 -9.88
CA HIS A 399 8.70 -31.52 -11.05
C HIS A 399 9.05 -30.30 -11.88
N ASN A 400 10.15 -30.42 -12.60
CA ASN A 400 10.56 -29.51 -13.66
C ASN A 400 10.69 -30.34 -14.93
N ARG A 401 9.75 -30.21 -15.87
CA ARG A 401 9.74 -31.10 -17.02
C ARG A 401 10.23 -30.39 -18.28
N LYS A 402 10.72 -31.22 -19.21
CA LYS A 402 11.26 -30.75 -20.48
C LYS A 402 10.23 -29.93 -21.24
N GLY A 403 10.70 -28.98 -22.04
CA GLY A 403 9.83 -28.24 -22.91
C GLY A 403 9.33 -26.93 -22.34
N PRO A 404 8.23 -26.43 -22.93
CA PRO A 404 7.88 -25.01 -22.78
C PRO A 404 6.87 -24.70 -21.66
N HIS A 405 6.85 -23.41 -21.28
CA HIS A 405 5.85 -22.83 -20.38
C HIS A 405 4.46 -23.15 -20.94
N ALA A 406 3.76 -24.06 -20.28
CA ALA A 406 2.44 -24.52 -20.70
C ALA A 406 1.96 -25.49 -19.63
N VAL A 407 0.77 -26.03 -19.82
CA VAL A 407 0.34 -27.24 -19.12
C VAL A 407 0.14 -28.29 -20.19
N LEU A 408 0.93 -29.36 -20.14
CA LEU A 408 0.99 -30.43 -21.13
C LEU A 408 0.40 -31.75 -20.61
N PRO A 409 0.14 -32.71 -21.51
CA PRO A 409 -0.30 -34.04 -21.03
C PRO A 409 0.66 -34.65 -20.02
N TYR A 410 1.96 -34.43 -20.16
CA TYR A 410 2.90 -34.85 -19.12
C TYR A 410 2.49 -34.31 -17.75
N ASP A 411 2.15 -33.02 -17.67
CA ASP A 411 1.84 -32.45 -16.36
C ASP A 411 0.60 -33.11 -15.75
N TRP A 412 -0.42 -33.35 -16.58
CA TRP A 412 -1.65 -33.97 -16.07
C TRP A 412 -1.40 -35.38 -15.59
N GLU A 413 -0.47 -36.10 -16.23
CA GLU A 413 -0.13 -37.44 -15.76
C GLU A 413 0.35 -37.39 -14.31
N GLN A 414 1.32 -36.51 -14.02
CA GLN A 414 1.76 -36.38 -12.62
C GLN A 414 0.66 -35.85 -11.72
N PHE A 415 -0.15 -34.91 -12.21
CA PHE A 415 -1.20 -34.34 -11.36
C PHE A 415 -2.16 -35.41 -10.90
N LEU A 416 -2.56 -36.29 -11.82
CA LEU A 416 -3.54 -37.33 -11.53
C LEU A 416 -2.94 -38.44 -10.69
N ARG A 417 -1.67 -38.77 -10.90
CA ARG A 417 -1.09 -39.78 -10.03
C ARG A 417 -0.94 -39.25 -8.60
N PHE A 418 -0.69 -37.94 -8.44
CA PHE A 418 -0.66 -37.32 -7.11
C PHE A 418 -2.04 -37.30 -6.49
N ALA A 419 -3.06 -36.90 -7.26
CA ALA A 419 -4.42 -36.86 -6.73
C ALA A 419 -4.90 -38.23 -6.25
N ASP A 420 -4.53 -39.31 -6.96
CA ASP A 420 -4.97 -40.66 -6.56
C ASP A 420 -4.51 -40.99 -5.15
N LYS A 421 -3.32 -40.51 -4.77
CA LYS A 421 -2.83 -40.71 -3.41
C LYS A 421 -3.76 -40.13 -2.36
N TYR A 422 -4.56 -39.13 -2.71
CA TYR A 422 -5.42 -38.48 -1.73
C TYR A 422 -6.89 -38.79 -1.91
N PHE A 423 -7.32 -39.07 -3.14
CA PHE A 423 -8.74 -39.28 -3.42
C PHE A 423 -9.14 -40.74 -3.56
N LYS A 424 -8.20 -41.65 -3.86
CA LYS A 424 -8.50 -43.06 -3.94
C LYS A 424 -7.93 -43.79 -2.74
N ASN A 425 -8.42 -45.01 -2.52
CA ASN A 425 -8.00 -45.83 -1.38
C ASN A 425 -7.69 -47.27 -1.82
N LYS B 26 18.21 7.75 -12.72
CA LYS B 26 17.10 8.45 -13.38
C LYS B 26 17.05 9.95 -13.04
N ASP B 27 16.92 10.82 -14.04
CA ASP B 27 16.97 12.26 -13.83
C ASP B 27 15.58 12.84 -13.87
N TYR B 28 15.10 13.35 -12.72
CA TYR B 28 13.75 13.89 -12.68
C TYR B 28 13.68 15.37 -13.03
N ALA B 29 14.81 16.05 -13.14
CA ALA B 29 14.78 17.43 -13.61
C ALA B 29 14.36 17.51 -15.07
N LYS B 30 15.00 16.72 -15.94
CA LYS B 30 14.60 16.67 -17.36
C LYS B 30 13.16 16.25 -17.55
N LEU B 31 12.57 15.57 -16.57
CA LEU B 31 11.23 15.01 -16.72
C LEU B 31 10.11 15.95 -16.28
N ALA B 32 10.44 17.02 -15.56
CA ALA B 32 9.45 17.86 -14.90
C ALA B 32 8.72 18.76 -15.89
N ASN B 33 7.43 18.93 -15.69
CA ASN B 33 6.64 19.85 -16.49
C ASN B 33 6.55 21.19 -15.77
N TYR B 34 6.71 22.28 -16.52
CA TYR B 34 6.52 23.65 -16.02
C TYR B 34 5.51 24.42 -16.86
N ASP B 35 4.80 23.73 -17.77
CA ASP B 35 3.86 24.34 -18.70
C ASP B 35 2.46 24.13 -18.15
N GLU B 36 1.86 25.19 -17.61
CA GLU B 36 0.52 25.10 -17.02
C GLU B 36 -0.51 24.56 -18.01
N SER B 37 -0.36 24.86 -19.29
CA SER B 37 -1.33 24.33 -20.25
C SER B 37 -1.23 22.80 -20.42
N LYS B 38 -0.17 22.18 -19.93
CA LYS B 38 0.02 20.74 -20.06
C LYS B 38 -0.29 19.97 -18.77
N VAL B 39 -0.72 20.64 -17.71
CA VAL B 39 -1.14 19.92 -16.49
C VAL B 39 -2.28 18.96 -16.84
N PRO B 40 -2.23 17.71 -16.40
CA PRO B 40 -3.25 16.74 -16.83
C PRO B 40 -4.62 17.11 -16.28
N GLN B 41 -5.65 16.58 -16.95
CA GLN B 41 -7.00 16.62 -16.40
C GLN B 41 -7.07 15.72 -15.18
N TYR B 42 -7.86 16.11 -14.20
CA TYR B 42 -7.98 15.24 -13.05
C TYR B 42 -9.22 15.61 -12.28
N THR B 43 -9.65 14.65 -11.47
CA THR B 43 -10.77 14.81 -10.56
C THR B 43 -10.20 14.93 -9.17
N LEU B 44 -10.48 16.02 -8.50
CA LEU B 44 -10.01 16.17 -7.14
C LEU B 44 -10.89 15.34 -6.23
N PRO B 45 -10.34 14.40 -5.44
CA PRO B 45 -11.18 13.58 -4.56
C PRO B 45 -11.91 14.47 -3.56
N SER B 46 -13.20 14.17 -3.37
CA SER B 46 -14.11 15.05 -2.64
C SER B 46 -13.82 15.05 -1.15
N VAL B 47 -13.47 16.24 -0.61
CA VAL B 47 -13.21 16.37 0.82
C VAL B 47 -14.47 16.08 1.63
N LEU B 48 -15.64 16.46 1.11
CA LEU B 48 -16.88 16.37 1.88
C LEU B 48 -17.57 15.01 1.78
N MET B 49 -17.37 14.24 0.70
CA MET B 49 -17.99 12.93 0.58
C MET B 49 -17.28 11.91 1.46
N CYS B 50 -18.04 11.27 2.36
CA CYS B 50 -17.50 10.17 3.15
C CYS B 50 -17.28 8.94 2.27
N HIS B 51 -16.60 7.92 2.82
CA HIS B 51 -16.31 6.74 2.02
C HIS B 51 -17.58 5.98 1.66
N ASP B 52 -18.69 6.21 2.39
CA ASP B 52 -19.95 5.52 2.16
C ASP B 52 -20.95 6.36 1.39
N GLY B 53 -20.53 7.48 0.80
CA GLY B 53 -21.42 8.30 0.01
C GLY B 53 -22.08 9.45 0.76
N GLU B 54 -22.14 9.38 2.10
CA GLU B 54 -22.76 10.46 2.88
C GLU B 54 -22.02 11.77 2.69
N MET B 55 -22.74 12.81 2.32
CA MET B 55 -22.17 14.14 2.11
C MET B 55 -22.19 14.94 3.40
N VAL B 56 -21.00 15.38 3.82
CA VAL B 56 -20.84 16.23 5.00
C VAL B 56 -21.43 17.60 4.69
N GLN B 57 -22.41 18.02 5.48
CA GLN B 57 -22.91 19.38 5.34
C GLN B 57 -22.93 20.20 6.64
N THR B 58 -22.61 19.61 7.78
CA THR B 58 -22.45 20.34 9.03
C THR B 58 -21.09 20.01 9.65
N LYS B 59 -20.60 20.93 10.50
CA LYS B 59 -19.33 20.70 11.17
C LYS B 59 -19.42 19.53 12.13
N GLU B 60 -20.62 19.25 12.66
CA GLU B 60 -20.78 18.07 13.49
C GLU B 60 -20.46 16.82 12.68
N GLN B 61 -20.88 16.78 11.41
CA GLN B 61 -20.60 15.60 10.59
C GLN B 61 -19.11 15.51 10.27
N TRP B 62 -18.50 16.64 9.91
CA TRP B 62 -17.06 16.67 9.68
C TRP B 62 -16.30 16.09 10.87
N GLU B 63 -16.56 16.60 12.08
CA GLU B 63 -15.78 16.20 13.25
C GLU B 63 -16.12 14.79 13.72
N GLN B 64 -17.37 14.39 13.67
CA GLN B 64 -17.72 13.05 14.14
C GLN B 64 -17.39 11.95 13.10
N LYS B 65 -17.42 12.26 11.80
CA LYS B 65 -17.27 11.19 10.82
C LYS B 65 -16.18 11.41 9.77
N ARG B 66 -16.22 12.50 9.00
CA ARG B 66 -15.36 12.59 7.83
C ARG B 66 -13.90 12.85 8.21
N ARG B 67 -13.65 13.79 9.14
CA ARG B 67 -12.27 14.07 9.52
C ARG B 67 -11.52 12.81 9.97
N PRO B 68 -12.02 12.02 10.93
CA PRO B 68 -11.30 10.77 11.27
C PRO B 68 -11.12 9.83 10.10
N GLU B 69 -12.00 9.89 9.09
CA GLU B 69 -11.74 9.13 7.88
C GLU B 69 -10.49 9.65 7.19
N ILE B 70 -10.39 10.98 7.05
CA ILE B 70 -9.27 11.58 6.32
C ILE B 70 -7.97 11.48 7.12
N LEU B 71 -8.05 11.64 8.44
CA LEU B 71 -6.87 11.45 9.28
C LEU B 71 -6.30 10.03 9.13
N ASN B 72 -7.18 9.02 9.15
CA ASN B 72 -6.69 7.65 9.01
C ASN B 72 -6.04 7.40 7.67
N LEU B 73 -6.57 7.99 6.59
CA LEU B 73 -5.98 7.75 5.28
C LEU B 73 -4.54 8.28 5.22
N PHE B 74 -4.35 9.53 5.68
CA PHE B 74 -3.02 10.16 5.65
C PHE B 74 -2.07 9.47 6.61
N THR B 75 -2.57 9.04 7.76
CA THR B 75 -1.70 8.37 8.72
C THR B 75 -1.21 7.02 8.18
N THR B 76 -2.11 6.27 7.52
CA THR B 76 -1.80 4.91 7.09
C THR B 76 -1.02 4.86 5.80
N TYR B 77 -1.43 5.65 4.80
CA TYR B 77 -0.87 5.51 3.47
C TYR B 77 0.21 6.53 3.09
N MET B 78 0.45 7.59 3.89
CA MET B 78 1.42 8.63 3.54
C MET B 78 2.48 8.89 4.59
N PHE B 79 2.08 9.32 5.81
CA PHE B 79 3.07 9.65 6.82
C PHE B 79 3.50 8.45 7.67
N GLY B 80 2.58 7.54 8.02
CA GLY B 80 2.94 6.42 8.87
C GLY B 80 2.55 6.63 10.32
N LYS B 81 2.07 5.56 10.97
CA LYS B 81 1.63 5.61 12.36
C LYS B 81 2.84 5.88 13.24
N ALA B 82 2.71 6.82 14.20
CA ALA B 82 3.75 7.06 15.18
C ALA B 82 3.33 6.52 16.54
N PRO B 83 4.27 6.28 17.46
CA PRO B 83 3.89 5.71 18.76
C PRO B 83 2.96 6.63 19.55
N VAL B 84 1.98 6.01 20.20
CA VAL B 84 1.00 6.69 21.05
C VAL B 84 1.46 6.49 22.48
N LEU B 85 1.89 7.57 23.13
CA LEU B 85 2.46 7.45 24.47
C LEU B 85 1.35 7.49 25.50
N LYS B 86 1.48 6.66 26.52
CA LYS B 86 0.50 6.63 27.59
C LYS B 86 0.84 7.63 28.68
N HIS B 87 2.05 8.18 28.69
CA HIS B 87 2.52 9.13 29.70
C HIS B 87 3.64 9.95 29.06
N LYS B 88 3.78 11.21 29.51
CA LYS B 88 4.83 12.09 29.00
C LYS B 88 6.21 11.54 29.36
N LEU B 89 7.17 11.74 28.47
CA LEU B 89 8.56 11.30 28.72
C LEU B 89 9.28 12.34 29.57
N PRO B 90 10.46 12.01 30.13
CA PRO B 90 11.16 12.96 30.99
C PRO B 90 11.63 14.23 30.29
N CYS B 91 11.59 15.33 31.03
CA CYS B 91 12.06 16.65 30.62
C CYS B 91 12.91 17.22 31.75
N THR B 92 14.06 17.80 31.39
CA THR B 92 14.88 18.56 32.32
C THR B 92 15.38 19.86 31.68
N VAL B 93 15.13 20.96 32.41
CA VAL B 93 15.61 22.29 32.06
C VAL B 93 17.08 22.36 32.45
N SER B 94 17.97 22.53 31.47
CA SER B 94 19.40 22.43 31.72
C SER B 94 20.10 23.76 31.95
N ARG B 95 19.48 24.91 31.66
CA ARG B 95 20.16 26.20 31.76
C ARG B 95 19.19 27.34 31.47
N ILE B 96 19.16 28.34 32.34
CA ILE B 96 18.32 29.52 32.14
C ILE B 96 19.19 30.75 32.24
N ASN B 97 19.18 31.60 31.21
CA ASN B 97 19.74 32.94 31.31
C ASN B 97 18.58 33.92 31.17
N GLU B 98 18.15 34.48 32.29
CA GLU B 98 17.03 35.43 32.31
C GLU B 98 17.42 36.81 31.80
N LYS B 99 18.68 37.02 31.48
CA LYS B 99 19.14 38.31 30.99
C LYS B 99 19.81 38.21 29.62
N ALA B 100 19.50 37.17 28.84
CA ALA B 100 20.15 36.97 27.55
C ALA B 100 19.81 38.11 26.60
N LEU B 101 20.66 38.28 25.59
CA LEU B 101 20.47 39.31 24.58
C LEU B 101 20.29 40.68 25.22
N ASN B 102 21.26 41.02 26.09
CA ASN B 102 21.35 42.33 26.76
C ASN B 102 20.07 42.69 27.51
N GLY B 103 19.54 41.73 28.27
CA GLY B 103 18.34 41.93 29.07
C GLY B 103 17.03 41.74 28.36
N ARG B 104 16.99 41.63 27.02
CA ARG B 104 15.72 41.62 26.29
C ARG B 104 14.95 40.30 26.38
N ALA B 105 15.61 39.19 26.68
CA ALA B 105 14.92 37.90 26.58
C ALA B 105 15.45 36.92 27.61
N THR B 106 14.62 35.94 27.94
CA THR B 106 15.01 34.78 28.73
C THR B 106 15.25 33.60 27.78
N ARG B 107 16.44 33.01 27.86
CA ARG B 107 16.75 31.82 27.07
C ARG B 107 16.80 30.62 28.00
N LYS B 108 16.09 29.56 27.62
CA LYS B 108 16.10 28.31 28.36
C LYS B 108 16.51 27.18 27.43
N GLU B 109 17.33 26.27 27.91
CA GLU B 109 17.60 25.01 27.20
C GLU B 109 16.97 23.84 27.94
N ILE B 110 16.22 22.99 27.22
CA ILE B 110 15.53 21.87 27.86
C ILE B 110 15.93 20.59 27.13
N THR B 111 16.34 19.60 27.89
CA THR B 111 16.58 18.27 27.35
C THR B 111 15.29 17.48 27.41
N ILE B 112 14.83 16.98 26.26
CA ILE B 112 13.59 16.25 26.12
C ILE B 112 13.90 14.84 25.63
N GLN B 113 13.64 13.84 26.48
CA GLN B 113 13.93 12.45 26.12
C GLN B 113 12.86 11.94 25.17
N LEU B 114 13.27 11.06 24.24
CA LEU B 114 12.37 10.52 23.24
C LEU B 114 12.14 9.02 23.41
N THR B 115 12.79 8.41 24.40
CA THR B 115 12.68 7.00 24.70
C THR B 115 12.73 6.83 26.21
N ASP B 116 12.35 5.65 26.68
CA ASP B 116 12.53 5.28 28.07
C ASP B 116 13.96 4.84 28.38
N ASP B 117 14.85 4.87 27.39
CA ASP B 117 16.25 4.53 27.57
C ASP B 117 17.04 5.81 27.83
N PRO B 118 17.56 6.03 29.04
CA PRO B 118 18.27 7.31 29.30
C PRO B 118 19.47 7.55 28.41
N GLN B 119 19.97 6.51 27.74
CA GLN B 119 21.02 6.62 26.75
C GLN B 119 20.48 6.80 25.32
N GLY B 120 19.16 6.85 25.14
CA GLY B 120 18.59 6.99 23.83
C GLY B 120 18.64 8.42 23.34
N PRO B 121 18.07 8.65 22.15
CA PRO B 121 18.11 10.00 21.59
C PRO B 121 17.29 10.97 22.42
N HIS B 122 17.55 12.26 22.19
CA HIS B 122 16.81 13.30 22.89
C HIS B 122 16.87 14.59 22.07
N ILE B 123 15.83 15.41 22.25
CA ILE B 123 15.76 16.75 21.66
C ILE B 123 16.41 17.76 22.60
N ASP B 124 17.29 18.60 22.06
CA ASP B 124 17.74 19.81 22.74
C ASP B 124 16.87 20.97 22.28
N LEU B 125 15.95 21.40 23.14
CA LEU B 125 15.07 22.50 22.82
C LEU B 125 15.68 23.82 23.29
N GLN B 126 15.64 24.84 22.42
CA GLN B 126 16.13 26.18 22.71
C GLN B 126 14.95 27.15 22.64
N LEU B 127 14.64 27.81 23.76
CA LEU B 127 13.43 28.61 23.91
C LEU B 127 13.79 30.04 24.35
N TYR B 128 13.34 31.03 23.59
CA TYR B 128 13.56 32.43 23.88
C TYR B 128 12.21 33.06 24.24
N LEU B 129 12.14 33.71 25.40
CA LEU B 129 10.93 34.43 25.79
C LEU B 129 11.25 35.92 25.94
N PRO B 130 10.34 36.81 25.54
CA PRO B 130 10.61 38.25 25.69
C PRO B 130 10.32 38.67 27.12
N ASN B 131 11.25 39.43 27.68
CA ASN B 131 11.10 39.90 29.05
C ASN B 131 10.14 41.08 29.09
N HIS B 132 9.50 41.25 30.25
CA HIS B 132 8.73 42.45 30.58
C HIS B 132 7.56 42.67 29.62
N VAL B 133 6.89 41.58 29.25
CA VAL B 133 5.63 41.67 28.54
C VAL B 133 4.56 41.10 29.46
N SER B 134 3.35 41.64 29.40
CA SER B 134 2.32 41.08 30.28
C SER B 134 1.53 39.97 29.57
N GLY B 135 1.04 39.01 30.37
CA GLY B 135 0.26 37.90 29.89
C GLY B 135 1.12 36.70 29.52
N LYS B 136 0.47 35.58 29.25
CA LYS B 136 1.18 34.41 28.77
C LYS B 136 1.67 34.64 27.34
N ILE B 137 2.86 34.10 27.05
CA ILE B 137 3.59 34.43 25.82
C ILE B 137 3.14 33.46 24.74
N PRO B 138 2.69 33.93 23.58
CA PRO B 138 2.51 33.02 22.43
C PRO B 138 3.89 32.64 21.91
N VAL B 139 4.03 31.40 21.44
CA VAL B 139 5.33 30.89 21.05
C VAL B 139 5.26 30.21 19.68
N PHE B 140 6.25 30.51 18.83
CA PHE B 140 6.43 29.82 17.56
C PHE B 140 7.36 28.63 17.77
N LEU B 141 6.86 27.42 17.48
CA LEU B 141 7.64 26.21 17.61
C LEU B 141 8.11 25.81 16.22
N GLY B 142 9.41 25.91 16.01
CA GLY B 142 10.00 25.71 14.70
C GLY B 142 10.99 24.58 14.79
N ILE B 143 11.03 23.76 13.74
CA ILE B 143 12.03 22.70 13.58
C ILE B 143 13.04 23.22 12.57
N SER B 144 14.34 23.07 12.87
CA SER B 144 15.35 23.71 12.03
C SER B 144 16.26 22.68 11.40
N PHE B 145 16.98 23.16 10.38
CA PHE B 145 17.89 22.29 9.63
C PHE B 145 19.22 22.11 10.34
N MET B 146 19.63 23.04 11.19
CA MET B 146 20.95 23.01 11.78
C MET B 146 20.86 23.29 13.27
N PRO B 147 21.98 23.12 14.01
CA PRO B 147 21.94 23.34 15.46
C PRO B 147 21.40 24.69 15.88
N ASN B 148 20.90 24.75 17.11
CA ASN B 148 20.25 25.95 17.62
C ASN B 148 21.16 27.18 17.65
N TYR B 149 22.50 27.01 17.66
CA TYR B 149 23.33 28.23 17.67
C TYR B 149 23.20 29.02 16.36
N THR B 150 22.65 28.42 15.31
CA THR B 150 22.45 29.15 14.07
C THR B 150 21.27 30.12 14.13
N ILE B 151 20.39 30.00 15.14
CA ILE B 151 19.17 30.82 15.16
C ILE B 151 19.49 32.31 15.31
N TYR B 152 20.47 32.65 16.13
CA TYR B 152 20.72 34.05 16.42
C TYR B 152 22.16 34.18 16.89
N ASP B 153 22.71 35.40 16.75
CA ASP B 153 24.09 35.66 17.17
C ASP B 153 24.08 36.01 18.65
N ASP B 154 23.99 34.95 19.46
CA ASP B 154 23.77 35.05 20.89
C ASP B 154 25.08 34.82 21.63
N PRO B 155 25.62 35.81 22.35
CA PRO B 155 26.96 35.62 22.95
C PRO B 155 27.10 34.40 23.85
N ASP B 156 26.07 34.03 24.62
CA ASP B 156 26.30 32.96 25.59
C ASP B 156 26.54 31.58 24.97
N LEU B 157 26.41 31.39 23.66
CA LEU B 157 26.53 30.07 23.04
C LEU B 157 27.90 29.88 22.42
N SER B 158 28.33 28.62 22.36
CA SER B 158 29.65 28.24 21.85
C SER B 158 29.52 27.27 20.69
N VAL B 159 30.49 27.34 19.78
CA VAL B 159 30.48 26.55 18.55
C VAL B 159 31.86 25.96 18.31
N PRO B 160 31.91 24.79 17.66
CA PRO B 160 33.21 24.18 17.31
C PRO B 160 33.51 24.17 15.81
N ARG B 170 29.05 26.48 6.78
CA ARG B 170 27.99 27.48 6.91
C ARG B 170 27.23 27.28 8.24
N SER B 171 27.83 26.48 9.11
CA SER B 171 27.22 26.11 10.38
C SER B 171 27.96 26.84 11.49
N PHE B 172 27.62 28.13 11.69
CA PHE B 172 28.25 29.00 12.70
C PHE B 172 27.17 29.86 13.38
N ARG B 173 27.59 30.61 14.40
CA ARG B 173 26.66 31.30 15.31
C ARG B 173 25.86 32.36 14.58
N GLY B 174 24.54 32.14 14.51
CA GLY B 174 23.61 33.08 13.92
C GLY B 174 23.50 33.04 12.41
N SER B 175 24.05 32.02 11.74
CA SER B 175 24.05 31.93 10.28
C SER B 175 22.63 31.85 9.67
N MET B 176 21.64 31.34 10.40
CA MET B 176 20.24 31.30 9.96
C MET B 176 19.35 32.43 10.49
N ASP B 177 19.94 33.54 10.97
CA ASP B 177 19.12 34.60 11.56
C ASP B 177 18.11 35.16 10.57
N LYS B 178 18.46 35.20 9.29
CA LYS B 178 17.55 35.71 8.28
C LYS B 178 16.29 34.87 8.17
N SER B 179 16.38 33.57 8.42
CA SER B 179 15.21 32.73 8.24
C SER B 179 14.39 32.55 9.51
N TRP B 180 14.84 33.10 10.65
CA TRP B 180 14.08 33.01 11.90
C TRP B 180 13.65 34.36 12.47
N GLN B 181 14.44 35.43 12.31
CA GLN B 181 14.01 36.80 12.62
C GLN B 181 13.59 36.92 14.09
N LEU B 182 14.42 36.38 14.97
CA LEU B 182 14.11 36.41 16.39
C LEU B 182 13.87 37.83 16.89
N ASP B 183 14.54 38.82 16.32
CA ASP B 183 14.33 40.20 16.78
C ASP B 183 12.89 40.63 16.50
N LYS B 184 12.36 40.32 15.31
N LYS B 184 12.36 40.32 15.31
CA LYS B 184 10.98 40.67 14.98
CA LYS B 184 10.98 40.67 14.99
C LYS B 184 9.99 39.93 15.88
C LYS B 184 10.00 39.94 15.91
N ILE B 185 10.26 38.66 16.18
CA ILE B 185 9.32 37.87 16.98
C ILE B 185 9.20 38.43 18.39
N LEU B 186 10.33 38.83 18.98
CA LEU B 186 10.33 39.40 20.33
C LEU B 186 9.59 40.74 20.36
N GLU B 187 9.78 41.56 19.33
CA GLU B 187 9.03 42.81 19.19
C GLU B 187 7.52 42.63 19.33
N HIS B 188 6.98 41.58 18.71
CA HIS B 188 5.55 41.34 18.71
C HIS B 188 5.08 40.75 20.05
N GLY B 189 5.99 40.56 20.99
CA GLY B 189 5.64 39.94 22.25
C GLY B 189 5.61 38.44 22.26
N TYR B 190 6.21 37.78 21.27
CA TYR B 190 6.15 36.33 21.13
C TYR B 190 7.51 35.70 21.39
N GLY B 191 7.47 34.39 21.67
CA GLY B 191 8.65 33.60 21.87
C GLY B 191 8.94 32.68 20.69
N LEU B 192 10.16 32.14 20.70
CA LEU B 192 10.63 31.24 19.67
C LEU B 192 11.28 30.05 20.35
N ALA B 193 10.85 28.85 19.97
CA ALA B 193 11.48 27.61 20.40
C ALA B 193 11.80 26.75 19.18
N THR B 194 13.01 26.21 19.14
CA THR B 194 13.46 25.44 18.01
C THR B 194 14.32 24.28 18.49
N PHE B 195 14.30 23.21 17.69
CA PHE B 195 15.24 22.11 17.81
C PHE B 195 15.63 21.63 16.41
N CYS B 196 16.87 21.11 16.30
CA CYS B 196 17.40 20.59 15.04
C CYS B 196 16.86 19.18 14.77
N TYR B 197 16.25 19.00 13.60
CA TYR B 197 15.56 17.74 13.28
C TYR B 197 16.46 16.50 13.37
N ASN B 198 17.78 16.67 13.38
CA ASN B 198 18.72 15.56 13.53
C ASN B 198 18.69 14.94 14.94
N ASP B 199 18.19 15.65 15.95
CA ASP B 199 18.04 15.03 17.28
C ASP B 199 17.09 13.84 17.23
N VAL B 200 16.10 13.89 16.36
CA VAL B 200 15.07 12.86 16.29
C VAL B 200 15.48 11.72 15.38
N ASP B 201 15.87 12.05 14.15
CA ASP B 201 16.20 11.02 13.17
C ASP B 201 17.06 11.65 12.09
N PRO B 202 18.29 11.16 11.88
CA PRO B 202 19.15 11.76 10.86
C PRO B 202 18.53 11.61 9.49
N ASP B 203 18.70 12.63 8.67
CA ASP B 203 18.07 12.71 7.36
C ASP B 203 18.97 12.02 6.33
N PHE B 204 19.01 10.69 6.44
CA PHE B 204 19.76 9.80 5.55
C PHE B 204 18.91 8.58 5.21
N ASP B 205 19.29 7.91 4.13
CA ASP B 205 18.64 6.66 3.73
C ASP B 205 19.39 5.50 4.38
N ASP B 206 19.04 5.23 5.63
CA ASP B 206 19.85 4.43 6.53
C ASP B 206 19.02 3.40 7.29
N ASP B 207 17.81 3.11 6.80
CA ASP B 207 16.90 2.14 7.42
C ASP B 207 16.62 2.48 8.88
N PHE B 208 16.71 3.77 9.23
CA PHE B 208 16.31 4.26 10.56
C PHE B 208 17.11 3.58 11.67
N GLN B 209 18.41 3.39 11.48
CA GLN B 209 19.22 2.73 12.51
C GLN B 209 19.88 3.69 13.49
N ASN B 210 19.97 4.97 13.16
CA ASN B 210 20.62 5.95 14.03
C ASN B 210 19.62 6.97 14.56
N GLY B 211 18.40 6.54 14.84
CA GLY B 211 17.34 7.45 15.22
C GLY B 211 16.38 6.84 16.23
N VAL B 212 15.22 7.47 16.38
CA VAL B 212 14.28 7.07 17.41
C VAL B 212 13.61 5.74 17.08
N HIS B 213 13.45 5.39 15.80
CA HIS B 213 12.65 4.24 15.38
C HIS B 213 12.99 2.91 16.07
N PRO B 214 14.25 2.42 16.08
CA PRO B 214 14.49 1.08 16.62
C PRO B 214 14.11 0.91 18.08
N TYR B 215 13.91 2.01 18.82
CA TYR B 215 13.50 1.90 20.22
C TYR B 215 12.04 1.48 20.36
N TYR B 216 11.24 1.66 19.32
CA TYR B 216 9.84 1.28 19.38
C TYR B 216 9.51 0.06 18.51
N TYR B 217 10.50 -0.79 18.22
CA TYR B 217 10.19 -2.01 17.48
C TYR B 217 9.63 -3.09 18.39
N GLU B 218 8.90 -4.02 17.80
CA GLU B 218 8.64 -5.28 18.44
C GLU B 218 9.91 -6.12 18.47
N LYS B 219 9.86 -7.22 19.20
CA LYS B 219 11.01 -8.11 19.22
C LYS B 219 10.98 -8.97 17.96
N GLY B 220 12.10 -8.99 17.24
CA GLY B 220 12.16 -9.59 15.94
C GLY B 220 11.99 -8.60 14.80
N GLN B 221 11.49 -7.40 15.07
CA GLN B 221 11.29 -6.41 14.03
C GLN B 221 12.57 -5.64 13.74
N ASN B 222 12.84 -5.40 12.46
CA ASN B 222 14.05 -4.72 12.04
C ASN B 222 13.84 -3.53 11.11
N PHE B 223 12.64 -3.29 10.62
CA PHE B 223 12.34 -2.01 9.99
C PHE B 223 10.88 -1.69 10.24
N PRO B 224 10.48 -0.44 10.10
CA PRO B 224 9.07 -0.09 10.29
C PRO B 224 8.17 -0.84 9.31
N ASP B 225 6.98 -1.20 9.79
CA ASP B 225 5.95 -1.79 8.94
C ASP B 225 5.54 -0.77 7.88
N PRO B 226 4.91 -1.23 6.79
CA PRO B 226 4.54 -0.29 5.72
C PRO B 226 3.59 0.81 6.18
N ASP B 227 2.84 0.61 7.26
CA ASP B 227 1.94 1.63 7.77
C ASP B 227 2.51 2.37 8.98
N GLN B 228 3.79 2.21 9.27
CA GLN B 228 4.42 2.86 10.40
C GLN B 228 5.27 4.03 9.93
N TRP B 229 5.60 4.91 10.88
CA TRP B 229 6.25 6.18 10.58
C TRP B 229 7.59 6.04 9.86
N GLY B 230 7.81 6.90 8.86
CA GLY B 230 9.13 7.24 8.36
C GLY B 230 9.72 8.45 9.07
N SER B 231 10.53 9.23 8.34
CA SER B 231 11.30 10.31 8.96
C SER B 231 10.46 11.56 9.21
N ILE B 232 9.62 11.95 8.25
CA ILE B 232 8.82 13.15 8.43
C ILE B 232 7.84 12.94 9.59
N ALA B 233 7.19 11.78 9.64
CA ALA B 233 6.32 11.49 10.77
C ALA B 233 7.07 11.55 12.08
N ALA B 234 8.30 11.02 12.11
CA ALA B 234 9.11 11.08 13.33
C ALA B 234 9.44 12.51 13.71
N TRP B 235 9.88 13.31 12.73
CA TRP B 235 10.16 14.71 13.01
C TRP B 235 8.95 15.41 13.58
N ALA B 236 7.76 15.21 13.00
CA ALA B 236 6.59 15.91 13.52
C ALA B 236 6.23 15.43 14.92
N TRP B 237 6.30 14.11 15.16
CA TRP B 237 6.16 13.59 16.53
C TRP B 237 7.10 14.30 17.51
N GLY B 238 8.29 14.73 17.04
CA GLY B 238 9.21 15.41 17.92
C GLY B 238 8.72 16.79 18.35
N MET B 239 8.13 17.54 17.41
CA MET B 239 7.54 18.81 17.79
C MET B 239 6.47 18.59 18.87
N SER B 240 5.70 17.52 18.75
CA SER B 240 4.71 17.18 19.79
C SER B 240 5.39 16.86 21.12
N ARG B 241 6.59 16.30 21.09
CA ARG B 241 7.28 16.09 22.36
C ARG B 241 7.78 17.41 22.92
N ALA B 242 8.10 18.37 22.05
CA ALA B 242 8.41 19.72 22.51
C ALA B 242 7.18 20.42 23.06
N MET B 243 6.03 20.19 22.43
CA MET B 243 4.78 20.73 22.95
C MET B 243 4.52 20.22 24.36
N ASP B 244 4.73 18.92 24.58
CA ASP B 244 4.58 18.34 25.91
C ASP B 244 5.33 19.16 26.97
N TYR B 245 6.55 19.62 26.65
CA TYR B 245 7.22 20.52 27.60
C TYR B 245 6.56 21.88 27.62
N LEU B 246 6.42 22.49 26.43
CA LEU B 246 5.92 23.85 26.35
C LEU B 246 4.63 24.03 27.15
N GLU B 247 3.69 23.10 27.04
CA GLU B 247 2.42 23.32 27.71
C GLU B 247 2.54 23.26 29.22
N THR B 248 3.71 22.90 29.75
CA THR B 248 3.91 22.90 31.18
C THR B 248 4.79 24.05 31.64
N ASP B 249 5.14 24.98 30.76
CA ASP B 249 6.00 26.10 31.10
C ASP B 249 5.17 27.32 31.49
N LYS B 250 5.45 27.85 32.69
CA LYS B 250 4.70 28.92 33.36
C LYS B 250 4.29 30.09 32.47
N LYS B 251 5.24 30.66 31.74
CA LYS B 251 5.01 31.89 30.99
C LYS B 251 4.49 31.67 29.57
N VAL B 252 4.38 30.45 29.12
CA VAL B 252 3.91 30.18 27.76
C VAL B 252 2.39 30.09 27.74
N ASP B 253 1.78 30.73 26.75
CA ASP B 253 0.37 30.52 26.45
C ASP B 253 0.21 29.20 25.68
N ALA B 254 -0.08 28.12 26.42
CA ALA B 254 -0.21 26.81 25.81
C ALA B 254 -1.21 26.81 24.67
N LYS B 255 -2.18 27.72 24.68
CA LYS B 255 -3.22 27.81 23.67
C LYS B 255 -2.80 28.63 22.47
N LYS B 256 -1.55 29.07 22.42
CA LYS B 256 -1.08 29.98 21.38
C LYS B 256 0.31 29.57 20.93
N VAL B 257 0.45 28.34 20.45
CA VAL B 257 1.72 27.82 19.96
C VAL B 257 1.54 27.56 18.47
N ALA B 258 2.36 28.21 17.66
CA ALA B 258 2.33 27.94 16.23
C ALA B 258 3.35 26.87 15.90
N VAL B 259 3.20 26.25 14.72
CA VAL B 259 4.27 25.41 14.19
C VAL B 259 4.74 25.99 12.85
N ILE B 260 6.04 25.85 12.58
CA ILE B 260 6.64 26.45 11.39
C ILE B 260 7.86 25.65 10.97
N GLY B 261 7.98 25.44 9.66
CA GLY B 261 9.16 24.82 9.08
C GLY B 261 9.28 25.13 7.60
N HIS B 262 10.47 24.93 7.07
CA HIS B 262 10.73 25.21 5.67
C HIS B 262 10.97 23.93 4.83
N SER B 263 10.37 23.90 3.65
CA SER B 263 10.62 22.85 2.64
C SER B 263 10.31 21.48 3.23
N ARG B 264 11.28 20.57 3.38
CA ARG B 264 10.97 19.27 3.97
C ARG B 264 10.48 19.43 5.42
N LEU B 265 10.96 20.46 6.11
CA LEU B 265 10.45 20.69 7.46
C LEU B 265 9.14 21.49 7.45
N GLY B 266 8.81 22.15 6.34
CA GLY B 266 7.46 22.66 6.15
C GLY B 266 6.42 21.56 5.93
N LYS B 267 6.78 20.52 5.19
CA LYS B 267 5.91 19.33 5.10
C LYS B 267 5.71 18.72 6.47
N THR B 268 6.77 18.73 7.30
CA THR B 268 6.67 18.20 8.66
C THR B 268 5.79 19.08 9.54
N ALA B 269 5.90 20.40 9.41
CA ALA B 269 5.09 21.25 10.28
C ALA B 269 3.60 21.12 9.92
N VAL B 270 3.27 20.89 8.65
CA VAL B 270 1.84 20.75 8.34
C VAL B 270 1.33 19.44 8.91
N TRP B 271 2.15 18.40 8.91
CA TRP B 271 1.66 17.16 9.50
C TRP B 271 1.59 17.28 11.02
N ALA B 272 2.57 17.94 11.63
CA ALA B 272 2.47 18.22 13.06
C ALA B 272 1.15 18.92 13.39
N GLY B 273 0.81 19.94 12.60
CA GLY B 273 -0.43 20.67 12.84
C GLY B 273 -1.67 19.82 12.64
N ALA B 274 -1.69 19.00 11.58
CA ALA B 274 -2.84 18.15 11.33
C ALA B 274 -2.93 17.03 12.34
N SER B 275 -1.81 16.45 12.73
CA SER B 275 -1.86 15.27 13.57
C SER B 275 -1.91 15.58 15.06
N ASP B 276 -1.67 16.84 15.43
CA ASP B 276 -1.75 17.31 16.82
C ASP B 276 -2.53 18.62 16.89
N PRO B 277 -3.84 18.58 17.17
CA PRO B 277 -4.65 19.80 17.09
C PRO B 277 -4.39 20.77 18.23
N ARG B 278 -3.50 20.42 19.16
CA ARG B 278 -3.11 21.34 20.22
C ARG B 278 -2.51 22.62 19.67
N PHE B 279 -1.90 22.57 18.47
CA PHE B 279 -1.22 23.74 17.94
C PHE B 279 -2.22 24.70 17.35
N ALA B 280 -2.02 25.99 17.63
CA ALA B 280 -2.99 27.01 17.29
C ALA B 280 -2.80 27.59 15.91
N LEU B 281 -1.65 27.39 15.28
CA LEU B 281 -1.42 28.00 13.98
C LEU B 281 -0.31 27.24 13.24
N VAL B 282 -0.45 27.12 11.92
CA VAL B 282 0.50 26.38 11.08
C VAL B 282 1.11 27.32 10.05
N ILE B 283 2.44 27.29 9.90
CA ILE B 283 3.11 28.05 8.84
C ILE B 283 3.77 27.07 7.87
N SER B 284 3.29 27.07 6.61
CA SER B 284 3.81 26.24 5.51
C SER B 284 4.84 27.04 4.69
N GLY B 285 6.12 26.92 5.07
CA GLY B 285 7.19 27.54 4.29
C GLY B 285 7.64 26.73 3.08
N ASN B 286 7.09 27.03 1.90
CA ASN B 286 7.41 26.30 0.66
C ASN B 286 7.31 24.77 0.84
N SER B 287 6.18 24.28 1.36
CA SER B 287 6.11 22.84 1.58
C SER B 287 6.11 22.04 0.27
N GLY B 288 5.54 22.59 -0.80
CA GLY B 288 5.54 22.02 -2.13
C GLY B 288 5.06 20.58 -2.24
N CYS B 289 5.80 19.80 -3.04
CA CYS B 289 5.41 18.43 -3.37
C CYS B 289 5.24 17.59 -2.13
N CYS B 290 4.09 16.92 -2.00
CA CYS B 290 3.74 16.21 -0.78
C CYS B 290 3.71 17.14 0.44
N GLY B 291 3.55 18.44 0.24
CA GLY B 291 3.24 19.34 1.33
C GLY B 291 1.81 19.84 1.15
N VAL B 292 1.65 21.10 0.76
CA VAL B 292 0.31 21.61 0.44
C VAL B 292 -0.02 21.61 -1.05
N ALA B 293 0.95 21.29 -1.93
CA ALA B 293 0.69 21.30 -3.37
C ALA B 293 -0.17 20.11 -3.78
N ILE B 294 -1.05 20.33 -4.77
CA ILE B 294 -1.87 19.24 -5.29
C ILE B 294 -0.98 18.23 -6.04
N SER B 295 -1.01 16.98 -5.58
CA SER B 295 -0.21 15.95 -6.25
C SER B 295 -0.71 15.67 -7.66
N ARG B 296 -2.02 15.63 -7.89
CA ARG B 296 -2.51 15.25 -9.22
C ARG B 296 -2.05 16.23 -10.30
N ARG B 297 -1.51 17.39 -9.93
CA ARG B 297 -1.02 18.33 -10.93
C ARG B 297 0.27 17.86 -11.58
N CYS B 298 1.05 17.02 -10.91
CA CYS B 298 2.23 16.41 -11.52
C CYS B 298 3.18 17.48 -12.07
N PHE B 299 3.13 18.66 -11.45
CA PHE B 299 3.88 19.83 -11.89
C PHE B 299 5.18 19.94 -11.09
N GLY B 300 6.27 20.23 -11.77
CA GLY B 300 7.55 20.29 -11.06
C GLY B 300 7.91 18.94 -10.46
N GLU B 301 8.16 18.93 -9.15
CA GLU B 301 8.47 17.69 -8.44
C GLU B 301 7.24 16.80 -8.37
N THR B 302 7.41 15.52 -8.66
CA THR B 302 6.32 14.55 -8.58
C THR B 302 6.56 13.62 -7.40
N VAL B 303 5.53 12.81 -7.11
CA VAL B 303 5.57 11.88 -5.98
C VAL B 303 6.69 10.86 -6.15
N GLU B 304 6.92 10.40 -7.38
CA GLU B 304 7.97 9.39 -7.57
C GLU B 304 9.35 10.02 -7.42
N ALA B 305 9.59 11.14 -8.07
CA ALA B 305 10.85 11.86 -7.84
C ALA B 305 11.11 12.02 -6.33
N MET B 306 10.10 12.48 -5.61
CA MET B 306 10.06 12.46 -4.14
C MET B 306 10.49 11.15 -3.50
N ASN B 307 9.68 10.09 -3.66
CA ASN B 307 9.92 8.87 -2.89
C ASN B 307 11.21 8.17 -3.30
N VAL B 308 11.59 8.25 -4.57
CA VAL B 308 12.77 7.52 -5.03
C VAL B 308 14.03 8.18 -4.48
N ARG B 309 14.07 9.51 -4.49
CA ARG B 309 15.28 10.18 -4.05
C ARG B 309 15.36 10.32 -2.54
N PHE B 310 14.23 10.24 -1.83
CA PHE B 310 14.18 10.38 -0.38
C PHE B 310 13.32 9.26 0.22
N PRO B 311 13.79 8.00 0.15
CA PRO B 311 12.92 6.87 0.55
C PRO B 311 12.62 6.81 2.04
N HIS B 312 13.32 7.58 2.88
CA HIS B 312 13.04 7.48 4.30
C HIS B 312 11.94 8.44 4.75
N TRP B 313 11.63 9.47 3.95
CA TRP B 313 10.76 10.56 4.42
C TRP B 313 9.36 10.07 4.79
N PHE B 314 8.69 9.39 3.87
CA PHE B 314 7.34 8.88 4.07
C PHE B 314 7.35 7.39 4.36
N CYS B 315 6.19 6.89 4.79
CA CYS B 315 6.02 5.50 5.16
C CYS B 315 6.09 4.59 3.92
N GLY B 316 6.27 3.29 4.18
CA GLY B 316 6.41 2.34 3.08
C GLY B 316 5.23 2.36 2.12
N ASN B 317 4.01 2.39 2.67
CA ASN B 317 2.79 2.39 1.86
C ASN B 317 2.84 3.46 0.78
N TYR B 318 3.41 4.62 1.10
CA TYR B 318 3.32 5.76 0.20
C TYR B 318 4.02 5.49 -1.11
N LYS B 319 5.00 4.58 -1.12
CA LYS B 319 5.71 4.29 -2.36
C LYS B 319 4.80 3.65 -3.42
N GLN B 320 3.61 3.15 -3.05
CA GLN B 320 2.73 2.62 -4.10
C GLN B 320 2.21 3.72 -5.03
N PHE B 321 2.37 5.02 -4.72
CA PHE B 321 1.79 6.05 -5.59
C PHE B 321 2.81 6.68 -6.54
N ASN B 322 4.03 6.18 -6.57
CA ASN B 322 4.98 6.58 -7.60
C ASN B 322 4.36 6.44 -8.99
N ASP B 323 4.24 7.57 -9.69
CA ASP B 323 3.69 7.61 -11.04
C ASP B 323 2.24 7.14 -11.09
N ARG B 324 1.53 7.25 -9.98
CA ARG B 324 0.13 6.80 -9.85
C ARG B 324 -0.67 7.78 -8.98
N GLU B 325 -0.47 9.09 -9.20
CA GLU B 325 -1.23 10.08 -8.43
C GLU B 325 -2.73 9.89 -8.58
N LYS B 326 -3.18 9.45 -9.76
CA LYS B 326 -4.61 9.28 -10.04
C LYS B 326 -5.28 8.39 -9.00
N TYR B 327 -4.53 7.45 -8.43
CA TYR B 327 -5.04 6.44 -7.50
C TYR B 327 -4.83 6.79 -6.02
N LEU B 328 -4.26 7.95 -5.71
CA LEU B 328 -4.22 8.42 -4.33
C LEU B 328 -5.62 8.40 -3.72
N PRO B 329 -5.80 7.86 -2.50
CA PRO B 329 -7.09 7.97 -1.81
C PRO B 329 -7.41 9.36 -1.28
N PHE B 330 -6.55 10.37 -1.55
CA PHE B 330 -6.74 11.74 -1.10
C PHE B 330 -5.96 12.66 -2.05
N ASP B 331 -6.01 13.96 -1.79
CA ASP B 331 -4.99 14.87 -2.27
C ASP B 331 -4.77 15.90 -1.16
N GLN B 332 -3.83 16.82 -1.42
CA GLN B 332 -3.25 17.60 -0.32
C GLN B 332 -4.15 18.73 0.16
N HIS B 333 -5.19 19.10 -0.61
CA HIS B 333 -6.23 19.98 -0.10
C HIS B 333 -6.88 19.39 1.15
N GLU B 334 -6.98 18.07 1.21
CA GLU B 334 -7.52 17.41 2.40
C GLU B 334 -6.54 17.40 3.57
N LEU B 335 -5.22 17.48 3.31
CA LEU B 335 -4.27 17.66 4.40
C LEU B 335 -4.44 19.05 5.04
N VAL B 336 -4.51 20.09 4.21
CA VAL B 336 -4.83 21.42 4.71
C VAL B 336 -6.12 21.39 5.51
N ALA B 337 -7.14 20.73 4.97
CA ALA B 337 -8.46 20.65 5.60
C ALA B 337 -8.42 20.02 6.98
N LEU B 338 -7.41 19.18 7.25
CA LEU B 338 -7.25 18.62 8.58
C LEU B 338 -6.89 19.69 9.61
N ILE B 339 -6.36 20.84 9.16
CA ILE B 339 -6.04 21.94 10.10
C ILE B 339 -7.32 22.61 10.61
N ALA B 340 -8.37 22.63 9.78
CA ALA B 340 -9.57 23.43 10.04
C ALA B 340 -10.16 23.11 11.41
N PRO B 341 -10.68 24.11 12.14
CA PRO B 341 -10.82 25.54 11.82
C PRO B 341 -9.62 26.40 12.15
N ARG B 342 -8.50 25.81 12.56
CA ARG B 342 -7.34 26.59 12.98
C ARG B 342 -6.66 27.28 11.77
N PRO B 343 -5.96 28.39 12.00
CA PRO B 343 -5.37 29.11 10.86
C PRO B 343 -4.08 28.48 10.33
N ILE B 344 -3.86 28.68 9.02
CA ILE B 344 -2.68 28.21 8.28
C ILE B 344 -2.26 29.29 7.30
N TYR B 345 -0.95 29.50 7.18
CA TYR B 345 -0.37 30.39 6.18
C TYR B 345 0.37 29.53 5.17
N ILE B 346 0.08 29.72 3.89
CA ILE B 346 0.82 29.05 2.81
C ILE B 346 1.69 30.09 2.11
N ALA B 347 3.00 29.90 2.16
CA ALA B 347 3.92 30.81 1.51
C ALA B 347 4.62 30.12 0.34
N SER B 348 4.65 30.78 -0.82
CA SER B 348 5.34 30.31 -2.01
C SER B 348 6.44 31.29 -2.39
N ALA B 349 7.35 30.82 -3.25
CA ALA B 349 8.48 31.61 -3.75
C ALA B 349 8.45 31.64 -5.26
N GLU B 350 8.57 32.85 -5.84
CA GLU B 350 8.32 33.07 -7.26
C GLU B 350 9.23 32.24 -8.15
N GLU B 351 10.46 31.98 -7.73
CA GLU B 351 11.41 31.22 -8.55
C GLU B 351 11.35 29.72 -8.27
N ASP B 352 10.58 29.31 -7.28
CA ASP B 352 10.57 27.93 -6.78
C ASP B 352 9.52 27.08 -7.54
N ASN B 353 9.74 26.93 -8.85
CA ASN B 353 8.80 26.16 -9.68
C ASN B 353 8.79 24.69 -9.35
N TRP B 354 9.85 24.18 -8.72
CA TRP B 354 9.87 22.77 -8.33
C TRP B 354 8.69 22.45 -7.42
N SER B 355 8.42 23.36 -6.46
CA SER B 355 7.35 23.24 -5.47
C SER B 355 5.95 23.40 -6.03
N ASP B 356 5.79 23.95 -7.24
CA ASP B 356 4.49 24.12 -7.91
C ASP B 356 3.60 25.08 -7.10
N GLN B 357 3.88 26.39 -7.24
CA GLN B 357 3.29 27.44 -6.41
C GLN B 357 1.78 27.52 -6.58
N LYS B 358 1.29 27.41 -7.83
CA LYS B 358 -0.15 27.35 -8.05
C LYS B 358 -0.75 26.10 -7.42
N GLY B 359 -0.02 24.99 -7.48
CA GLY B 359 -0.46 23.81 -6.77
C GLY B 359 -0.56 24.04 -5.28
N GLU B 360 0.40 24.79 -4.72
CA GLU B 360 0.33 25.20 -3.31
C GLU B 360 -0.90 26.05 -3.04
N PHE B 361 -1.11 27.11 -3.82
CA PHE B 361 -2.32 27.91 -3.69
C PHE B 361 -3.59 27.05 -3.67
N LEU B 362 -3.76 26.18 -4.68
CA LEU B 362 -4.98 25.38 -4.79
C LEU B 362 -5.10 24.38 -3.65
N GLY B 363 -3.98 23.92 -3.08
CA GLY B 363 -4.06 23.18 -1.82
C GLY B 363 -4.81 23.93 -0.73
N GLY B 364 -4.63 25.25 -0.65
CA GLY B 364 -5.45 26.03 0.25
C GLY B 364 -6.88 26.13 -0.25
N LYS B 365 -7.05 26.55 -1.50
CA LYS B 365 -8.38 26.70 -2.08
C LYS B 365 -9.24 25.46 -1.88
N GLY B 366 -8.65 24.27 -2.05
CA GLY B 366 -9.44 23.06 -2.01
C GLY B 366 -9.99 22.72 -0.63
N ALA B 367 -9.40 23.31 0.42
CA ALA B 367 -9.85 23.13 1.80
C ALA B 367 -10.93 24.11 2.20
N GLU B 368 -11.14 25.16 1.43
CA GLU B 368 -12.12 26.17 1.79
C GLU B 368 -13.48 25.63 2.17
N PRO B 369 -14.08 24.67 1.46
CA PRO B 369 -15.41 24.17 1.88
C PRO B 369 -15.45 23.65 3.31
N VAL B 370 -14.33 23.24 3.90
CA VAL B 370 -14.37 22.74 5.27
C VAL B 370 -14.36 23.91 6.24
N TYR B 371 -13.61 24.96 5.93
CA TYR B 371 -13.65 26.15 6.75
C TYR B 371 -15.00 26.82 6.68
N ALA B 372 -15.69 26.73 5.53
CA ALA B 372 -17.03 27.31 5.42
C ALA B 372 -18.02 26.62 6.35
N LEU B 373 -17.78 25.35 6.67
CA LEU B 373 -18.57 24.67 7.69
C LEU B 373 -18.52 25.37 9.06
N TYR B 374 -17.52 26.23 9.29
CA TYR B 374 -17.37 26.88 10.58
C TYR B 374 -17.72 28.36 10.51
N GLY B 375 -18.37 28.80 9.43
CA GLY B 375 -18.65 30.20 9.25
C GLY B 375 -17.46 31.06 8.89
N LEU B 376 -16.33 30.45 8.53
CA LEU B 376 -15.13 31.15 8.14
C LEU B 376 -15.05 31.28 6.62
N GLY B 377 -14.51 32.42 6.17
CA GLY B 377 -14.37 32.68 4.76
C GLY B 377 -13.23 31.90 4.15
N GLY B 378 -12.88 32.27 2.92
CA GLY B 378 -11.78 31.67 2.20
C GLY B 378 -10.52 32.52 2.22
N ILE B 379 -9.69 32.32 1.20
CA ILE B 379 -8.46 33.08 1.08
C ILE B 379 -8.77 34.54 0.74
N GLY B 380 -9.79 34.77 -0.07
CA GLY B 380 -10.16 36.12 -0.44
C GLY B 380 -9.93 36.45 -1.88
N CYS B 381 -9.48 35.50 -2.70
CA CYS B 381 -9.41 35.67 -4.14
C CYS B 381 -9.73 34.32 -4.79
N GLU B 382 -10.11 34.39 -6.06
CA GLU B 382 -10.40 33.17 -6.80
C GLU B 382 -9.18 32.58 -7.47
N GLU B 383 -8.37 33.41 -8.10
CA GLU B 383 -7.21 32.97 -8.86
C GLU B 383 -5.94 33.23 -8.06
N MET B 384 -4.87 32.46 -8.35
CA MET B 384 -3.53 32.79 -7.86
C MET B 384 -3.27 34.28 -7.84
N PRO B 385 -2.95 34.88 -6.69
CA PRO B 385 -2.67 36.32 -6.67
C PRO B 385 -1.36 36.62 -7.40
N PRO B 386 -1.11 37.90 -7.75
CA PRO B 386 0.19 38.25 -8.34
C PRO B 386 1.32 38.14 -7.32
N VAL B 387 2.55 38.38 -7.74
CA VAL B 387 3.67 38.27 -6.82
C VAL B 387 3.57 39.38 -5.76
N ASP B 388 4.13 39.12 -4.58
CA ASP B 388 4.26 40.10 -3.52
C ASP B 388 2.92 40.76 -3.18
N THR B 389 1.90 39.94 -3.03
CA THR B 389 0.53 40.41 -2.87
C THR B 389 -0.21 39.46 -1.92
N PRO B 390 0.03 39.58 -0.61
CA PRO B 390 -0.57 38.65 0.35
C PRO B 390 -2.08 38.81 0.46
N TYR B 391 -2.67 37.78 1.06
CA TYR B 391 -4.10 37.67 1.38
C TYR B 391 -4.12 36.99 2.74
N MET B 392 -4.58 37.69 3.78
CA MET B 392 -4.53 37.07 5.09
C MET B 392 -5.68 37.51 5.99
N ASN B 393 -6.79 37.97 5.42
CA ASN B 393 -7.99 38.25 6.20
C ASN B 393 -8.96 37.08 6.30
N GLY B 394 -8.65 35.94 5.66
CA GLY B 394 -9.37 34.72 5.89
C GLY B 394 -8.56 33.75 6.76
N PRO B 395 -9.10 32.56 7.00
CA PRO B 395 -8.39 31.59 7.85
C PRO B 395 -7.25 30.91 7.15
N ILE B 396 -7.28 30.87 5.82
CA ILE B 396 -6.18 30.39 5.01
C ILE B 396 -5.54 31.62 4.41
N ALA B 397 -4.26 31.82 4.69
CA ALA B 397 -3.53 32.93 4.11
C ALA B 397 -2.56 32.39 3.07
N TYR B 398 -2.20 33.25 2.11
CA TYR B 398 -1.30 32.88 1.02
C TYR B 398 -0.54 34.09 0.53
N HIS B 399 0.74 33.89 0.18
CA HIS B 399 1.46 34.84 -0.67
C HIS B 399 2.50 34.08 -1.49
N ASN B 400 2.87 34.68 -2.63
CA ASN B 400 3.95 34.16 -3.48
C ASN B 400 4.92 35.31 -3.63
N ARG B 401 5.99 35.29 -2.84
CA ARG B 401 6.90 36.42 -2.77
C ARG B 401 7.98 36.29 -3.83
N LYS B 402 8.52 37.41 -4.23
CA LYS B 402 9.60 37.42 -5.18
C LYS B 402 10.83 36.75 -4.57
N GLY B 403 11.66 36.14 -5.43
CA GLY B 403 12.90 35.54 -5.00
C GLY B 403 12.89 34.03 -4.90
N PRO B 404 13.94 33.46 -4.30
CA PRO B 404 14.13 32.01 -4.35
C PRO B 404 13.57 31.25 -3.15
N HIS B 405 13.63 29.92 -3.23
CA HIS B 405 13.21 28.95 -2.21
C HIS B 405 13.99 29.20 -0.92
N ALA B 406 13.28 29.61 0.14
CA ALA B 406 13.91 30.09 1.36
C ALA B 406 12.81 30.59 2.29
N VAL B 407 13.18 30.83 3.55
CA VAL B 407 12.42 31.68 4.47
C VAL B 407 13.17 33.00 4.62
N LEU B 408 12.51 34.09 4.24
CA LEU B 408 13.10 35.40 4.16
C LEU B 408 12.47 36.33 5.18
N PRO B 409 13.09 37.49 5.44
CA PRO B 409 12.44 38.46 6.34
C PRO B 409 11.04 38.85 5.87
N TYR B 410 10.84 39.01 4.55
CA TYR B 410 9.52 39.36 4.03
C TYR B 410 8.46 38.36 4.50
N ASP B 411 8.75 37.06 4.35
CA ASP B 411 7.87 36.02 4.85
C ASP B 411 7.49 36.25 6.30
N TRP B 412 8.50 36.41 7.15
CA TRP B 412 8.27 36.52 8.59
C TRP B 412 7.40 37.71 8.94
N GLU B 413 7.60 38.83 8.25
CA GLU B 413 6.76 39.97 8.60
C GLU B 413 5.30 39.68 8.26
N GLN B 414 5.05 38.93 7.17
CA GLN B 414 3.67 38.50 6.88
C GLN B 414 3.17 37.47 7.88
N PHE B 415 4.01 36.49 8.25
CA PHE B 415 3.62 35.54 9.29
C PHE B 415 3.23 36.25 10.58
N LEU B 416 4.02 37.25 11.02
CA LEU B 416 3.72 37.95 12.27
C LEU B 416 2.45 38.77 12.14
N ARG B 417 2.24 39.44 11.01
CA ARG B 417 1.00 40.20 10.85
C ARG B 417 -0.22 39.28 10.91
N PHE B 418 -0.16 38.13 10.19
CA PHE B 418 -1.20 37.10 10.26
C PHE B 418 -1.41 36.61 11.68
N ALA B 419 -0.32 36.32 12.39
CA ALA B 419 -0.43 35.80 13.74
C ALA B 419 -1.03 36.84 14.70
N ASP B 420 -0.70 38.12 14.49
CA ASP B 420 -1.26 39.17 15.36
C ASP B 420 -2.79 39.13 15.38
N LYS B 421 -3.42 38.75 14.26
CA LYS B 421 -4.89 38.74 14.17
C LYS B 421 -5.51 37.70 15.08
N TYR B 422 -4.76 36.66 15.44
CA TYR B 422 -5.25 35.56 16.26
C TYR B 422 -4.67 35.56 17.66
N PHE B 423 -3.57 36.30 17.90
CA PHE B 423 -2.88 36.30 19.18
C PHE B 423 -3.02 37.61 19.97
N LYS B 424 -3.70 38.63 19.45
CA LYS B 424 -3.87 39.88 20.22
C LYS B 424 -5.35 40.05 20.64
C1 PEG C . 4.91 2.26 -9.15
O1 PEG C . 3.83 2.76 -8.35
C2 PEG C . 4.44 1.73 -10.49
O2 PEG C . 3.65 0.56 -10.29
C3 PEG C . 3.21 -0.04 -11.51
C4 PEG C . 1.72 -0.20 -11.50
O4 PEG C . 1.08 0.64 -12.47
NA NA D . 11.47 -13.98 -10.16
NA NA E . 4.44 18.75 -7.94
O1 MES F . 20.53 2.04 2.42
C2 MES F . 19.44 1.51 3.19
C3 MES F . 18.03 1.81 2.64
N4 MES F . 17.97 1.79 1.17
C5 MES F . 19.19 1.98 0.38
C6 MES F . 20.16 2.77 1.24
C7 MES F . 16.76 1.26 0.53
C8 MES F . 16.06 2.35 -0.30
S MES F . 14.51 1.85 -0.79
O1S MES F . 14.10 2.61 -2.00
O2S MES F . 13.51 2.07 0.31
O3S MES F . 14.50 0.42 -1.17
#